data_4U1C
#
_entry.id   4U1C
#
_cell.length_a   155.550
_cell.length_b   155.550
_cell.length_c   91.220
_cell.angle_alpha   90.00
_cell.angle_beta   90.00
_cell.angle_gamma   120.00
#
_symmetry.space_group_name_H-M   'P 32 2 1'
#
loop_
_entity.id
_entity.type
_entity.pdbx_description
1 polymer 'Eukaryotic translation initiation factor 3 subunit C'
2 polymer 'Eukaryotic translation initiation factor 3 subunit A'
#
loop_
_entity_poly.entity_id
_entity_poly.type
_entity_poly.pdbx_seq_one_letter_code
_entity_poly.pdbx_strand_id
1 'polypeptide(L)'
;MDQAVQEDFFTRLQTIIDSRGKKTVNQQSLISTLEELLTVAEKPYEFIMAYLTLIPSRFDASANLSYQPIDQWKSSFNDI
SKLLSILDQTIDTYQVNEFADPIDFIEDEPKEDSDGVKRILGSIFSFVERLDDEFMKSLLNIDPHSSDYLIRLRDEQSIY
NLILRTQLYFEATLKDEHDLERALTRPFVKRLDHIYYKSENLIKIMETAAWNIIPAQFKSKFTSKDQLDSADYVDNLIDG
LSTILSKQNNIAVQKRAILYNIYYTALNKDFQTAKDMLLTSQVQTNINQFDSSLQILFNRVVVQLGLSAFKLCLIEECHQ
ILNDLLSSSHLREILGQQSLHRISLNSSNNASADERARQCLPYHQHINLDLIDVVFLTCSLLIEIPRMTAFYSGIKVKRI
PYSPKSIRRSLEHYDKLSFQGPPETLRDYVLFAAKSMQKGNWRDSVKYLREIKSWALLPNMETVLNSLTERVQVESLKTY
FFSFKRFYSSFSVAKLAELFDLPENKVVEVLQSVIAELEIPAKLNDEKTIFVVEKGDEITKLEEAMVKLNKEYKIAKERL
NPPSNRR
;
C
2 'polypeptide(L)'
;SNAVDLSDADTLQRYLDQRFQQVDVSVKLELWHEAYRSIEDVFHLMKISKRAPKPSTLANYYENLVKVFFVSGDPLLHTT
AWKKFYKLYSTNPRATEEEFKTYSSTIFLSAISTQLDEIPSIGYDPHLRMYRLLNLDAKPTRKEMLQSIIEDESIYGKVD
EELKELYDIIEVNFDVDTVKQQLENLLVKLSSKTYFSQYIAPLRDVIMRRVFVAASQKFTTVSQSELYKLATLPAPLDLS
AWDIEKSLLQAAVEDYVSITIDHESAKVTFAKDP
;
A
#
# COMPACT_ATOMS: atom_id res chain seq x y z
N GLN A 6 51.90 26.98 -33.46
CA GLN A 6 50.75 27.88 -33.45
C GLN A 6 49.76 27.55 -34.56
N GLU A 7 50.05 28.06 -35.75
CA GLU A 7 49.13 27.99 -36.87
C GLU A 7 48.81 26.54 -37.25
N ASP A 8 49.73 25.63 -36.97
CA ASP A 8 49.45 24.20 -37.06
C ASP A 8 48.23 23.85 -36.21
N PHE A 9 48.29 24.26 -34.96
CA PHE A 9 47.24 23.97 -33.98
C PHE A 9 45.87 24.55 -34.36
N PHE A 10 45.84 25.84 -34.67
CA PHE A 10 44.63 26.50 -35.09
C PHE A 10 44.05 25.85 -36.34
N THR A 11 44.89 25.61 -37.34
CA THR A 11 44.41 25.07 -38.60
C THR A 11 43.84 23.66 -38.42
N ARG A 12 44.55 22.81 -37.66
CA ARG A 12 44.05 21.47 -37.29
C ARG A 12 42.68 21.56 -36.63
N LEU A 13 42.65 22.23 -35.47
CA LEU A 13 41.43 22.37 -34.69
C LEU A 13 40.24 22.87 -35.52
N GLN A 14 40.49 23.86 -36.36
CA GLN A 14 39.44 24.43 -37.20
C GLN A 14 38.99 23.44 -38.27
N THR A 15 39.94 22.72 -38.87
CA THR A 15 39.62 21.70 -39.87
C THR A 15 38.70 20.65 -39.26
N ILE A 16 39.01 20.27 -38.03
CA ILE A 16 38.21 19.31 -37.28
C ILE A 16 36.80 19.82 -37.00
N ILE A 17 36.71 21.06 -36.50
CA ILE A 17 35.42 21.65 -36.18
C ILE A 17 34.54 21.78 -37.42
N ASP A 18 35.14 22.14 -38.55
CA ASP A 18 34.41 22.24 -39.81
C ASP A 18 33.96 20.86 -40.29
N SER A 19 34.84 19.87 -40.16
CA SER A 19 34.55 18.53 -40.62
C SER A 19 33.44 17.90 -39.80
N ARG A 20 33.33 18.34 -38.55
CA ARG A 20 32.30 17.87 -37.63
C ARG A 20 30.89 18.27 -38.07
N GLY A 21 30.78 19.44 -38.69
CA GLY A 21 29.50 19.94 -39.16
C GLY A 21 29.09 19.30 -40.46
N LYS A 22 29.83 18.26 -40.87
CA LYS A 22 29.52 17.47 -42.05
C LYS A 22 28.86 16.17 -41.63
N LYS A 23 27.89 15.71 -42.43
CA LYS A 23 27.01 14.60 -42.06
C LYS A 23 27.76 13.31 -41.74
N THR A 24 28.38 12.71 -42.75
CA THR A 24 29.14 11.48 -42.54
C THR A 24 30.42 11.81 -41.83
N VAL A 25 30.58 11.28 -40.62
CA VAL A 25 31.80 11.48 -39.87
C VAL A 25 31.99 10.21 -39.07
N ASN A 26 33.23 9.85 -38.82
CA ASN A 26 33.47 8.80 -37.85
C ASN A 26 33.74 9.43 -36.49
N GLN A 27 32.80 9.29 -35.58
CA GLN A 27 32.86 9.98 -34.31
C GLN A 27 33.92 9.41 -33.37
N GLN A 28 34.15 8.10 -33.46
CA GLN A 28 35.27 7.45 -32.76
C GLN A 28 36.59 8.10 -33.18
N SER A 29 36.77 8.27 -34.48
CA SER A 29 38.00 8.83 -35.04
C SER A 29 38.12 10.32 -34.76
N LEU A 30 36.97 11.00 -34.69
CA LEU A 30 36.97 12.44 -34.41
C LEU A 30 37.41 12.67 -32.97
N ILE A 31 36.90 11.84 -32.06
CA ILE A 31 37.31 11.92 -30.66
C ILE A 31 38.78 11.60 -30.49
N SER A 32 39.20 10.48 -31.08
CA SER A 32 40.58 10.05 -30.97
C SER A 32 41.57 11.07 -31.56
N THR A 33 41.12 11.79 -32.60
CA THR A 33 41.96 12.82 -33.22
C THR A 33 42.15 14.02 -32.30
N LEU A 34 41.05 14.51 -31.73
CA LEU A 34 41.10 15.59 -30.75
C LEU A 34 42.04 15.23 -29.61
N GLU A 35 41.93 14.00 -29.11
CA GLU A 35 42.78 13.54 -28.03
C GLU A 35 44.27 13.50 -28.42
N GLU A 36 44.54 12.92 -29.59
CA GLU A 36 45.91 12.82 -30.08
C GLU A 36 46.50 14.20 -30.32
N LEU A 37 45.63 15.18 -30.51
CA LEU A 37 46.06 16.57 -30.66
C LEU A 37 46.08 17.33 -29.33
N LEU A 38 45.56 16.71 -28.27
CA LEU A 38 45.76 17.23 -26.93
C LEU A 38 47.15 16.85 -26.49
N THR A 39 47.59 15.67 -26.95
CA THR A 39 48.95 15.21 -26.66
C THR A 39 50.02 16.25 -27.04
N VAL A 40 49.80 16.92 -28.18
CA VAL A 40 50.76 17.88 -28.72
C VAL A 40 50.69 19.23 -28.03
N ALA A 41 49.48 19.67 -27.70
CA ALA A 41 49.25 20.98 -27.07
C ALA A 41 50.03 21.19 -25.77
N GLU A 42 50.59 22.39 -25.64
CA GLU A 42 51.37 22.81 -24.46
C GLU A 42 50.80 24.10 -23.87
N LYS A 43 50.80 25.15 -24.68
CA LYS A 43 50.19 26.43 -24.32
C LYS A 43 48.74 26.26 -23.85
N PRO A 44 48.34 27.04 -22.83
CA PRO A 44 47.05 26.90 -22.15
C PRO A 44 45.82 27.25 -22.99
N TYR A 45 45.89 28.27 -23.84
CA TYR A 45 44.76 28.58 -24.71
C TYR A 45 44.50 27.40 -25.65
N GLU A 46 45.58 26.74 -26.05
CA GLU A 46 45.49 25.53 -26.86
C GLU A 46 44.72 24.43 -26.12
N PHE A 47 45.09 24.19 -24.86
CA PHE A 47 44.42 23.20 -24.03
C PHE A 47 42.92 23.50 -23.85
N ILE A 48 42.62 24.68 -23.34
CA ILE A 48 41.25 25.11 -23.09
C ILE A 48 40.36 25.10 -24.34
N MET A 49 40.89 25.60 -25.45
CA MET A 49 40.11 25.64 -26.69
C MET A 49 39.98 24.25 -27.31
N ALA A 50 40.89 23.36 -26.96
CA ALA A 50 40.79 21.96 -27.37
C ALA A 50 39.66 21.27 -26.61
N TYR A 51 39.68 21.38 -25.27
CA TYR A 51 38.67 20.75 -24.41
C TYR A 51 37.28 21.29 -24.70
N LEU A 52 37.21 22.59 -24.95
CA LEU A 52 35.92 23.25 -25.12
C LEU A 52 35.13 22.67 -26.29
N THR A 53 35.83 22.19 -27.31
CA THR A 53 35.16 21.47 -28.38
C THR A 53 35.28 19.95 -28.22
N LEU A 54 36.06 19.49 -27.25
CA LEU A 54 36.19 18.05 -27.04
C LEU A 54 35.01 17.46 -26.27
N ILE A 55 34.58 18.11 -25.19
CA ILE A 55 33.48 17.56 -24.39
C ILE A 55 32.17 17.35 -25.19
N PRO A 56 31.69 18.41 -25.88
CA PRO A 56 30.45 18.21 -26.62
C PRO A 56 30.65 17.28 -27.80
N SER A 57 31.90 17.11 -28.23
CA SER A 57 32.21 16.19 -29.31
C SER A 57 31.92 14.75 -28.87
N ARG A 58 32.17 14.46 -27.59
CA ARG A 58 31.82 13.17 -27.00
C ARG A 58 30.30 13.02 -26.84
N PHE A 59 29.73 13.98 -26.12
CA PHE A 59 28.29 13.93 -25.86
C PHE A 59 27.51 13.75 -27.15
N ASP A 60 27.97 14.43 -28.21
CA ASP A 60 27.34 14.36 -29.51
C ASP A 60 27.54 12.99 -30.12
N ALA A 61 28.71 12.38 -29.88
CA ALA A 61 29.01 11.07 -30.43
C ALA A 61 28.07 10.00 -29.89
N SER A 62 27.78 10.07 -28.59
CA SER A 62 26.88 9.09 -27.99
C SER A 62 25.42 9.58 -27.91
N ALA A 63 25.16 10.74 -28.50
CA ALA A 63 23.88 11.46 -28.36
C ALA A 63 22.62 10.67 -28.71
N ASN A 64 22.63 9.94 -29.82
CA ASN A 64 21.40 9.31 -30.29
C ASN A 64 21.16 7.92 -29.71
N LEU A 65 21.99 7.50 -28.77
CA LEU A 65 21.76 6.25 -28.07
C LEU A 65 20.71 6.46 -26.98
N SER A 66 20.38 5.37 -26.28
CA SER A 66 19.52 5.42 -25.10
C SER A 66 20.17 6.29 -24.04
N TYR A 67 21.49 6.12 -23.88
CA TYR A 67 22.30 6.96 -23.03
C TYR A 67 23.75 6.72 -23.38
N GLN A 68 24.70 7.44 -22.79
CA GLN A 68 26.08 7.14 -23.08
C GLN A 68 26.59 6.16 -22.05
N PRO A 69 27.28 5.10 -22.50
CA PRO A 69 27.57 4.02 -21.55
C PRO A 69 28.51 4.46 -20.44
N ILE A 70 28.71 3.59 -19.45
CA ILE A 70 29.38 3.96 -18.22
C ILE A 70 30.82 4.36 -18.46
N ASP A 71 31.46 3.72 -19.44
CA ASP A 71 32.87 4.00 -19.72
C ASP A 71 33.05 5.38 -20.35
N GLN A 72 32.23 5.69 -21.37
CA GLN A 72 32.34 6.97 -22.07
C GLN A 72 31.97 8.14 -21.15
N TRP A 73 30.97 7.92 -20.31
CA TRP A 73 30.58 8.88 -19.29
C TRP A 73 31.71 9.11 -18.29
N LYS A 74 32.31 8.01 -17.86
CA LYS A 74 33.37 8.06 -16.86
C LYS A 74 34.60 8.79 -17.39
N SER A 75 34.88 8.67 -18.68
CA SER A 75 36.00 9.39 -19.27
C SER A 75 35.67 10.86 -19.62
N SER A 76 34.39 11.13 -19.94
CA SER A 76 33.99 12.51 -20.20
C SER A 76 34.03 13.32 -18.90
N PHE A 77 33.69 12.67 -17.79
CA PHE A 77 33.87 13.28 -16.48
C PHE A 77 35.33 13.70 -16.27
N ASN A 78 36.24 12.79 -16.64
CA ASN A 78 37.67 13.07 -16.59
C ASN A 78 38.00 14.30 -17.42
N ASP A 79 37.36 14.41 -18.60
CA ASP A 79 37.55 15.60 -19.42
C ASP A 79 37.17 16.89 -18.70
N ILE A 80 35.93 16.97 -18.24
CA ILE A 80 35.44 18.19 -17.59
C ILE A 80 36.25 18.55 -16.33
N SER A 81 36.68 17.52 -15.61
CA SER A 81 37.50 17.72 -14.42
C SER A 81 38.90 18.25 -14.80
N LYS A 82 39.39 17.84 -15.97
CA LYS A 82 40.70 18.29 -16.44
C LYS A 82 40.67 19.75 -16.91
N LEU A 83 39.65 20.10 -17.69
CA LEU A 83 39.43 21.50 -18.04
C LEU A 83 39.27 22.37 -16.81
N LEU A 84 38.58 21.85 -15.80
CA LEU A 84 38.39 22.58 -14.55
C LEU A 84 39.69 22.75 -13.78
N SER A 85 40.52 21.71 -13.75
CA SER A 85 41.82 21.78 -13.10
C SER A 85 42.73 22.80 -13.79
N ILE A 86 42.66 22.86 -15.12
CA ILE A 86 43.44 23.81 -15.88
C ILE A 86 42.97 25.25 -15.62
N LEU A 87 41.67 25.47 -15.67
CA LEU A 87 41.10 26.79 -15.39
C LEU A 87 41.37 27.23 -13.96
N ASP A 88 41.45 26.27 -13.05
CA ASP A 88 41.79 26.53 -11.66
C ASP A 88 43.24 26.94 -11.50
N GLN A 89 44.14 26.19 -12.12
CA GLN A 89 45.57 26.50 -12.06
C GLN A 89 45.88 27.79 -12.82
N THR A 90 44.96 28.24 -13.67
CA THR A 90 45.14 29.50 -14.40
C THR A 90 44.78 30.73 -13.55
N ILE A 91 43.77 30.58 -12.69
CA ILE A 91 43.35 31.64 -11.76
C ILE A 91 42.97 32.94 -12.46
N ASP A 92 42.09 32.83 -13.45
CA ASP A 92 41.46 34.01 -14.08
C ASP A 92 42.45 34.90 -14.83
N THR A 93 43.74 34.57 -14.77
CA THR A 93 44.78 35.42 -15.36
C THR A 93 44.94 35.13 -16.85
N TYR A 94 44.10 34.26 -17.38
CA TYR A 94 44.11 33.97 -18.81
C TYR A 94 43.45 35.10 -19.62
N GLN A 95 42.72 35.98 -18.96
CA GLN A 95 41.99 37.05 -19.64
C GLN A 95 42.70 38.41 -19.67
N VAL A 96 43.91 38.48 -19.12
CA VAL A 96 44.64 39.74 -18.99
C VAL A 96 43.83 40.72 -18.13
N ASN A 97 43.39 40.24 -16.97
CA ASN A 97 42.58 41.01 -16.02
C ASN A 97 41.21 41.49 -16.53
N GLU A 98 40.90 42.76 -16.24
CA GLU A 98 39.54 43.30 -16.44
C GLU A 98 39.58 44.46 -17.41
N PHE A 99 40.35 45.48 -17.05
CA PHE A 99 40.56 46.64 -17.89
C PHE A 99 40.85 46.22 -19.33
N ALA A 100 41.66 45.19 -19.52
CA ALA A 100 41.83 44.63 -20.86
C ALA A 100 41.20 43.25 -20.98
N ASP A 101 40.04 43.20 -21.63
CA ASP A 101 39.35 41.95 -21.92
C ASP A 101 39.98 40.99 -22.95
N PRO A 102 40.63 41.50 -24.04
CA PRO A 102 40.89 40.67 -25.22
C PRO A 102 41.48 39.27 -25.01
N ILE A 103 40.88 38.33 -25.74
CA ILE A 103 41.21 36.92 -25.77
C ILE A 103 42.28 36.66 -26.83
N ASP A 104 42.89 37.75 -27.26
CA ASP A 104 43.46 37.94 -28.59
C ASP A 104 44.17 36.73 -29.22
N PHE A 105 44.87 35.93 -28.43
CA PHE A 105 45.76 34.88 -28.97
C PHE A 105 45.12 33.51 -29.15
N ILE A 106 44.95 33.08 -30.40
CA ILE A 106 44.94 33.97 -31.56
C ILE A 106 43.52 33.98 -32.08
N GLU A 107 42.82 35.09 -31.88
CA GLU A 107 41.40 35.15 -32.19
C GLU A 107 41.19 35.23 -33.70
N ASP A 108 42.22 35.68 -34.41
CA ASP A 108 42.15 35.86 -35.86
C ASP A 108 41.92 34.54 -36.58
N GLU A 109 42.50 33.46 -36.06
CA GLU A 109 42.37 32.14 -36.67
C GLU A 109 40.93 31.59 -36.56
N PRO A 110 40.33 31.56 -35.35
CA PRO A 110 38.90 31.29 -35.37
C PRO A 110 38.08 32.45 -35.96
N LYS A 111 38.45 33.68 -35.61
CA LYS A 111 37.82 34.89 -36.15
C LYS A 111 36.35 35.03 -35.69
N GLU A 112 35.81 33.98 -35.09
CA GLU A 112 34.40 33.91 -34.71
C GLU A 112 34.09 34.25 -33.26
N ASP A 113 35.12 34.68 -32.51
CA ASP A 113 34.94 35.03 -31.10
C ASP A 113 33.86 36.08 -30.85
N SER A 114 33.17 35.97 -29.71
CA SER A 114 32.25 37.00 -29.27
C SER A 114 32.45 37.35 -27.79
N ASP A 115 32.61 38.63 -27.49
CA ASP A 115 32.81 39.11 -26.12
C ASP A 115 31.70 38.63 -25.18
N GLY A 116 32.12 38.04 -24.07
CA GLY A 116 31.20 37.64 -23.03
C GLY A 116 31.96 36.87 -21.99
N VAL A 117 31.31 36.63 -20.87
CA VAL A 117 31.81 35.72 -19.85
C VAL A 117 30.82 34.58 -19.85
N LYS A 118 29.56 34.92 -19.59
CA LYS A 118 28.45 34.01 -19.76
C LYS A 118 28.49 33.33 -21.14
N ARG A 119 28.96 34.04 -22.15
CA ARG A 119 29.00 33.49 -23.50
C ARG A 119 30.08 32.41 -23.73
N ILE A 120 31.34 32.73 -23.46
CA ILE A 120 32.42 31.73 -23.57
C ILE A 120 32.58 30.83 -22.35
N LEU A 121 32.47 31.42 -21.17
CA LEU A 121 32.68 30.68 -19.92
C LEU A 121 31.40 30.19 -19.25
N GLY A 122 30.25 30.45 -19.89
CA GLY A 122 28.98 29.95 -19.37
C GLY A 122 28.69 28.54 -19.82
N SER A 123 29.16 28.24 -21.04
CA SER A 123 28.94 26.95 -21.67
C SER A 123 29.36 25.82 -20.74
N ILE A 124 30.34 26.11 -19.88
CA ILE A 124 30.86 25.14 -18.92
C ILE A 124 29.75 24.47 -18.17
N PHE A 125 28.85 25.26 -17.59
CA PHE A 125 27.79 24.67 -16.80
C PHE A 125 27.02 23.63 -17.60
N SER A 126 26.66 23.99 -18.83
CA SER A 126 25.90 23.09 -19.70
C SER A 126 26.53 21.71 -19.77
N PHE A 127 27.86 21.68 -19.88
CA PHE A 127 28.60 20.42 -19.95
C PHE A 127 28.26 19.55 -18.76
N VAL A 128 28.44 20.12 -17.57
CA VAL A 128 28.08 19.46 -16.33
C VAL A 128 26.67 18.90 -16.41
N GLU A 129 25.74 19.73 -16.89
CA GLU A 129 24.34 19.33 -16.92
C GLU A 129 24.18 18.08 -17.78
N ARG A 130 24.88 18.02 -18.90
CA ARG A 130 24.80 16.83 -19.75
C ARG A 130 25.20 15.61 -18.94
N LEU A 131 26.33 15.71 -18.24
CA LEU A 131 26.81 14.62 -17.39
C LEU A 131 25.71 14.12 -16.50
N ASP A 132 24.93 15.04 -15.95
CA ASP A 132 23.84 14.71 -15.05
C ASP A 132 22.69 14.09 -15.84
N ASP A 133 22.28 14.76 -16.91
CA ASP A 133 21.10 14.32 -17.66
C ASP A 133 21.27 12.90 -18.21
N GLU A 134 22.35 12.67 -18.95
CA GLU A 134 22.66 11.34 -19.46
C GLU A 134 22.74 10.35 -18.30
N PHE A 135 23.28 10.80 -17.17
CA PHE A 135 23.38 9.97 -15.98
C PHE A 135 22.00 9.46 -15.57
N MET A 136 21.03 10.37 -15.53
CA MET A 136 19.68 10.00 -15.15
C MET A 136 19.14 8.99 -16.16
N LYS A 137 19.48 9.21 -17.43
CA LYS A 137 18.97 8.34 -18.48
C LYS A 137 19.48 6.92 -18.29
N SER A 138 20.58 6.77 -17.58
CA SER A 138 21.07 5.44 -17.29
C SER A 138 20.28 4.81 -16.15
N LEU A 139 19.99 5.57 -15.11
CA LEU A 139 19.27 5.04 -13.94
C LEU A 139 17.84 4.64 -14.29
N LEU A 140 17.24 5.34 -15.26
CA LEU A 140 15.93 4.96 -15.73
C LEU A 140 15.99 3.65 -16.50
N ASN A 141 17.02 3.53 -17.33
CA ASN A 141 17.17 2.42 -18.27
C ASN A 141 17.82 1.15 -17.72
N ILE A 142 18.37 1.20 -16.51
CA ILE A 142 18.97 0.00 -15.93
C ILE A 142 17.86 -0.76 -15.20
N ASP A 143 18.13 -1.99 -14.79
CA ASP A 143 17.15 -2.79 -14.06
C ASP A 143 17.10 -2.29 -12.63
N PRO A 144 15.88 -2.00 -12.16
CA PRO A 144 15.72 -1.38 -10.83
C PRO A 144 16.43 -2.15 -9.71
N HIS A 145 16.39 -3.47 -9.76
CA HIS A 145 16.99 -4.27 -8.69
C HIS A 145 18.37 -4.87 -8.95
N SER A 146 18.94 -4.66 -10.13
CA SER A 146 20.29 -5.17 -10.38
C SER A 146 21.32 -4.34 -9.59
N SER A 147 22.51 -4.90 -9.39
CA SER A 147 23.58 -4.23 -8.66
C SER A 147 24.12 -3.04 -9.45
N ASP A 148 23.96 -3.12 -10.76
CA ASP A 148 24.36 -2.07 -11.66
C ASP A 148 23.71 -0.75 -11.26
N TYR A 149 22.44 -0.82 -10.89
CA TYR A 149 21.71 0.36 -10.42
C TYR A 149 22.42 0.97 -9.22
N LEU A 150 22.90 0.10 -8.32
CA LEU A 150 23.61 0.56 -7.14
C LEU A 150 24.92 1.25 -7.50
N ILE A 151 25.64 0.72 -8.49
CA ILE A 151 26.89 1.33 -8.95
C ILE A 151 26.66 2.72 -9.58
N ARG A 152 25.67 2.81 -10.45
CA ARG A 152 25.30 4.09 -11.03
C ARG A 152 24.99 5.12 -9.93
N LEU A 153 24.18 4.68 -8.97
CA LEU A 153 23.87 5.56 -7.85
C LEU A 153 25.15 5.95 -7.10
N ARG A 154 26.16 5.08 -7.15
CA ARG A 154 27.47 5.45 -6.60
C ARG A 154 28.10 6.59 -7.41
N ASP A 155 27.74 6.69 -8.68
CA ASP A 155 28.27 7.79 -9.49
C ASP A 155 27.57 9.13 -9.23
N GLU A 156 26.35 9.05 -8.72
CA GLU A 156 25.63 10.28 -8.37
C GLU A 156 26.44 11.29 -7.52
N GLN A 157 27.13 10.76 -6.50
CA GLN A 157 27.96 11.58 -5.62
C GLN A 157 29.00 12.36 -6.41
N SER A 158 29.67 11.66 -7.32
CA SER A 158 30.71 12.28 -8.13
C SER A 158 30.14 13.38 -9.03
N ILE A 159 28.89 13.24 -9.47
CA ILE A 159 28.30 14.39 -10.18
C ILE A 159 28.09 15.59 -9.25
N TYR A 160 27.55 15.33 -8.06
CA TYR A 160 27.35 16.39 -7.07
C TYR A 160 28.65 17.17 -6.82
N ASN A 161 29.76 16.41 -6.81
CA ASN A 161 31.10 17.01 -6.73
C ASN A 161 31.32 18.10 -7.78
N LEU A 162 31.08 17.74 -9.05
CA LEU A 162 31.29 18.67 -10.15
C LEU A 162 30.36 19.86 -10.07
N ILE A 163 29.14 19.63 -9.59
CA ILE A 163 28.23 20.75 -9.39
C ILE A 163 28.84 21.78 -8.43
N LEU A 164 29.29 21.30 -7.28
CA LEU A 164 29.89 22.22 -6.30
C LEU A 164 31.15 22.91 -6.82
N ARG A 165 32.04 22.13 -7.43
CA ARG A 165 33.30 22.65 -7.94
C ARG A 165 33.08 23.73 -9.00
N THR A 166 32.25 23.41 -9.99
CA THR A 166 31.90 24.35 -11.04
C THR A 166 31.25 25.61 -10.46
N GLN A 167 30.39 25.42 -9.46
CA GLN A 167 29.84 26.55 -8.73
C GLN A 167 30.96 27.46 -8.23
N LEU A 168 31.93 26.86 -7.54
CA LEU A 168 33.02 27.64 -6.91
C LEU A 168 33.90 28.38 -7.91
N TYR A 169 34.18 27.75 -9.05
CA TYR A 169 34.94 28.45 -10.09
C TYR A 169 34.12 29.61 -10.65
N PHE A 170 32.82 29.42 -10.79
CA PHE A 170 31.95 30.52 -11.21
C PHE A 170 31.96 31.66 -10.20
N GLU A 171 32.10 31.33 -8.92
CA GLU A 171 32.11 32.39 -7.93
C GLU A 171 33.41 33.18 -7.98
N ALA A 172 34.53 32.49 -8.15
CA ALA A 172 35.81 33.20 -8.22
C ALA A 172 35.91 34.06 -9.47
N THR A 173 35.57 33.49 -10.64
CA THR A 173 35.64 34.22 -11.91
C THR A 173 34.77 35.48 -12.01
N LEU A 174 33.45 35.31 -11.94
CA LEU A 174 32.49 36.34 -12.37
C LEU A 174 32.45 37.56 -11.46
N LYS A 175 32.73 38.73 -12.04
CA LYS A 175 32.75 39.97 -11.27
C LYS A 175 31.46 40.79 -11.29
N ASP A 176 30.52 40.42 -12.18
CA ASP A 176 29.26 41.16 -12.27
C ASP A 176 28.15 40.37 -11.59
N GLU A 177 27.65 40.91 -10.47
CA GLU A 177 26.65 40.21 -9.66
C GLU A 177 25.38 39.85 -10.45
N HIS A 178 25.01 40.71 -11.40
CA HIS A 178 23.87 40.43 -12.27
C HIS A 178 24.13 39.20 -13.13
N ASP A 179 25.38 39.02 -13.55
CA ASP A 179 25.77 37.84 -14.30
C ASP A 179 25.99 36.64 -13.38
N LEU A 180 26.60 36.88 -12.22
CA LEU A 180 26.87 35.81 -11.25
C LEU A 180 25.58 35.12 -10.79
N GLU A 181 24.54 35.90 -10.55
CA GLU A 181 23.24 35.32 -10.16
C GLU A 181 22.64 34.50 -11.29
N ARG A 182 22.68 35.08 -12.49
CA ARG A 182 22.17 34.44 -13.69
C ARG A 182 22.84 33.09 -13.92
N ALA A 183 24.13 33.04 -13.61
CA ALA A 183 24.95 31.85 -13.79
C ALA A 183 24.74 30.83 -12.68
N LEU A 184 24.55 31.32 -11.46
CA LEU A 184 24.43 30.44 -10.29
C LEU A 184 23.06 29.83 -10.09
N THR A 185 22.00 30.45 -10.63
CA THR A 185 20.64 29.97 -10.42
C THR A 185 20.48 28.49 -10.74
N ARG A 186 20.99 28.08 -11.90
CA ARG A 186 20.86 26.71 -12.38
C ARG A 186 21.64 25.67 -11.58
N PRO A 187 22.94 25.91 -11.30
CA PRO A 187 23.60 24.88 -10.49
C PRO A 187 23.07 24.79 -9.07
N PHE A 188 22.46 25.88 -8.58
CA PHE A 188 21.76 25.85 -7.31
C PHE A 188 20.57 24.93 -7.44
N VAL A 189 19.90 25.02 -8.58
CA VAL A 189 18.74 24.18 -8.84
C VAL A 189 19.14 22.71 -8.86
N LYS A 190 20.12 22.34 -9.70
CA LYS A 190 20.62 20.97 -9.73
C LYS A 190 21.06 20.47 -8.35
N ARG A 191 21.74 21.36 -7.62
CA ARG A 191 22.24 21.06 -6.28
C ARG A 191 21.08 20.70 -5.35
N LEU A 192 19.99 21.45 -5.48
CA LEU A 192 18.78 21.16 -4.74
C LEU A 192 18.19 19.82 -5.15
N ASP A 193 18.02 19.61 -6.45
CA ASP A 193 17.45 18.37 -6.97
C ASP A 193 18.19 17.15 -6.45
N HIS A 194 19.48 17.31 -6.17
CA HIS A 194 20.29 16.17 -5.71
C HIS A 194 20.33 15.97 -4.19
N ILE A 195 19.54 16.76 -3.46
CA ILE A 195 19.55 16.77 -1.99
C ILE A 195 18.22 16.41 -1.31
N TYR A 196 17.18 17.19 -1.60
CA TYR A 196 15.93 17.24 -0.83
C TYR A 196 15.25 15.90 -0.47
N TYR A 197 15.33 14.90 -1.35
CA TYR A 197 14.59 13.67 -1.12
C TYR A 197 15.31 12.76 -0.14
N LYS A 198 16.48 13.18 0.31
CA LYS A 198 17.29 12.32 1.18
C LYS A 198 17.20 12.72 2.65
N SER A 199 17.82 11.93 3.52
CA SER A 199 17.85 12.23 4.94
C SER A 199 18.97 13.22 5.25
N GLU A 200 18.82 13.98 6.32
CA GLU A 200 19.80 14.99 6.72
C GLU A 200 21.22 14.41 6.74
N ASN A 201 21.32 13.18 7.23
CA ASN A 201 22.57 12.44 7.22
C ASN A 201 23.16 12.31 5.82
N LEU A 202 22.48 11.57 4.94
CA LEU A 202 22.94 11.29 3.57
C LEU A 202 23.32 12.59 2.83
N ILE A 203 22.52 13.62 3.04
CA ILE A 203 22.80 14.95 2.49
C ILE A 203 24.11 15.53 3.01
N LYS A 204 24.32 15.45 4.32
CA LYS A 204 25.56 15.97 4.89
C LYS A 204 26.75 15.10 4.48
N ILE A 205 26.47 13.86 4.10
CA ILE A 205 27.52 12.99 3.57
C ILE A 205 27.95 13.54 2.22
N MET A 206 26.96 13.72 1.35
CA MET A 206 27.23 14.24 0.01
C MET A 206 27.94 15.58 0.07
N GLU A 207 27.50 16.43 0.99
CA GLU A 207 28.07 17.76 1.19
C GLU A 207 29.50 17.71 1.72
N THR A 208 29.73 16.89 2.73
CA THR A 208 31.06 16.75 3.33
C THR A 208 32.02 16.24 2.26
N ALA A 209 31.60 15.19 1.57
CA ALA A 209 32.38 14.57 0.50
C ALA A 209 32.66 15.56 -0.62
N ALA A 210 31.70 16.44 -0.90
CA ALA A 210 31.89 17.46 -1.92
C ALA A 210 32.89 18.53 -1.47
N TRP A 211 32.90 18.84 -0.18
CA TRP A 211 33.84 19.85 0.31
C TRP A 211 35.26 19.33 0.48
N ASN A 212 35.41 18.02 0.67
CA ASN A 212 36.75 17.48 0.89
C ASN A 212 37.61 17.49 -0.37
N ILE A 213 36.95 17.49 -1.54
CA ILE A 213 37.66 17.44 -2.82
C ILE A 213 37.91 18.84 -3.36
N ILE A 214 37.56 19.85 -2.58
CA ILE A 214 37.78 21.22 -3.00
C ILE A 214 38.90 21.90 -2.20
N PRO A 215 39.93 22.38 -2.92
CA PRO A 215 41.15 23.05 -2.47
C PRO A 215 40.91 24.47 -1.93
N ALA A 216 41.99 25.24 -1.85
CA ALA A 216 42.00 26.54 -1.20
C ALA A 216 40.99 27.54 -1.77
N GLN A 217 40.36 27.21 -2.89
CA GLN A 217 39.36 28.11 -3.45
C GLN A 217 38.08 28.06 -2.63
N PHE A 218 37.70 29.21 -2.06
CA PHE A 218 36.38 29.39 -1.48
C PHE A 218 35.82 30.78 -1.75
N LYS A 219 34.71 30.87 -2.47
CA LYS A 219 33.82 32.02 -2.31
C LYS A 219 32.38 31.54 -2.37
N SER A 220 31.63 31.68 -1.28
CA SER A 220 30.23 31.29 -1.28
C SER A 220 29.49 32.07 -0.21
N LYS A 221 28.19 32.21 -0.39
CA LYS A 221 27.39 33.04 0.49
C LYS A 221 27.18 32.40 1.85
N PHE A 222 26.90 31.09 1.84
CA PHE A 222 26.60 30.34 3.06
C PHE A 222 27.85 30.11 3.90
N THR A 223 29.01 30.10 3.26
CA THR A 223 30.31 29.86 3.93
C THR A 223 30.34 28.52 4.68
N SER A 224 30.34 27.43 3.92
CA SER A 224 30.27 26.08 4.51
C SER A 224 31.59 25.52 5.01
N LYS A 225 32.71 25.90 4.39
CA LYS A 225 34.00 25.33 4.76
C LYS A 225 34.30 25.48 6.26
N ASP A 226 33.97 26.65 6.81
CA ASP A 226 34.17 26.90 8.24
C ASP A 226 33.12 26.18 9.09
N GLN A 227 31.86 26.28 8.66
CA GLN A 227 30.70 25.88 9.46
C GLN A 227 30.26 24.43 9.31
N LEU A 228 31.06 23.63 8.59
CA LEU A 228 30.68 22.28 8.16
C LEU A 228 30.02 21.37 9.20
N ASP A 229 30.44 21.43 10.46
CA ASP A 229 29.98 20.48 11.47
C ASP A 229 28.68 20.83 12.19
N SER A 230 28.22 22.08 12.07
CA SER A 230 27.05 22.56 12.82
C SER A 230 25.76 21.83 12.43
N ALA A 231 24.83 21.71 13.37
CA ALA A 231 23.57 21.01 13.07
C ALA A 231 22.61 21.91 12.30
N ASP A 232 22.89 23.21 12.30
CA ASP A 232 22.04 24.17 11.60
C ASP A 232 22.50 24.28 10.15
N TYR A 233 23.54 23.52 9.82
CA TYR A 233 24.14 23.52 8.49
C TYR A 233 23.16 23.23 7.35
N VAL A 234 22.64 22.01 7.35
CA VAL A 234 21.79 21.51 6.25
C VAL A 234 20.54 22.38 6.06
N ASP A 235 19.81 22.61 7.14
CA ASP A 235 18.60 23.43 7.10
C ASP A 235 18.90 24.81 6.50
N ASN A 236 20.05 25.37 6.85
CA ASN A 236 20.43 26.69 6.37
C ASN A 236 20.82 26.67 4.89
N LEU A 237 21.36 25.54 4.43
CA LEU A 237 21.63 25.38 3.01
C LEU A 237 20.33 25.39 2.21
N ILE A 238 19.38 24.58 2.67
CA ILE A 238 18.12 24.45 1.96
C ILE A 238 17.37 25.78 1.95
N ASP A 239 17.17 26.39 3.13
CA ASP A 239 16.42 27.65 3.18
C ASP A 239 17.21 28.78 2.52
N GLY A 240 18.53 28.61 2.45
CA GLY A 240 19.38 29.57 1.78
C GLY A 240 19.13 29.62 0.28
N LEU A 241 19.27 28.48 -0.38
CA LEU A 241 19.07 28.44 -1.83
C LEU A 241 17.59 28.69 -2.15
N SER A 242 16.74 28.27 -1.23
CA SER A 242 15.31 28.54 -1.31
C SER A 242 15.03 30.03 -1.44
N THR A 243 15.53 30.80 -0.48
CA THR A 243 15.32 32.24 -0.45
C THR A 243 16.00 32.87 -1.66
N ILE A 244 17.12 32.29 -2.11
CA ILE A 244 17.79 32.81 -3.29
C ILE A 244 16.89 32.76 -4.52
N LEU A 245 16.25 31.62 -4.74
CA LEU A 245 15.50 31.39 -5.97
C LEU A 245 14.19 32.18 -6.10
N SER A 246 13.81 32.91 -5.05
CA SER A 246 12.64 33.80 -5.14
C SER A 246 13.01 35.08 -5.88
N LYS A 247 14.30 35.36 -5.97
CA LYS A 247 14.78 36.49 -6.75
C LYS A 247 14.59 36.32 -8.25
N GLN A 248 14.85 35.11 -8.74
CA GLN A 248 14.85 34.86 -10.18
C GLN A 248 13.46 35.02 -10.77
N ASN A 249 13.41 35.49 -12.01
CA ASN A 249 12.17 35.89 -12.65
C ASN A 249 11.41 34.73 -13.28
N ASN A 250 12.07 33.59 -13.44
CA ASN A 250 11.41 32.43 -13.99
C ASN A 250 10.50 31.81 -12.95
N ILE A 251 9.23 31.67 -13.28
CA ILE A 251 8.19 31.26 -12.31
C ILE A 251 8.31 29.79 -11.97
N ALA A 252 8.62 29.00 -12.98
CA ALA A 252 8.84 27.58 -12.81
C ALA A 252 9.99 27.33 -11.83
N VAL A 253 10.98 28.22 -11.83
CA VAL A 253 12.11 28.13 -10.91
C VAL A 253 11.68 28.46 -9.48
N GLN A 254 10.85 29.48 -9.33
CA GLN A 254 10.39 29.91 -8.01
C GLN A 254 9.54 28.81 -7.38
N LYS A 255 8.57 28.33 -8.14
CA LYS A 255 7.71 27.24 -7.68
C LYS A 255 8.52 25.97 -7.41
N ARG A 256 9.50 25.70 -8.27
CA ARG A 256 10.41 24.58 -8.10
C ARG A 256 11.03 24.64 -6.70
N ALA A 257 11.66 25.78 -6.41
CA ALA A 257 12.28 26.02 -5.11
C ALA A 257 11.34 25.81 -3.94
N ILE A 258 10.20 26.50 -4.00
CA ILE A 258 9.21 26.42 -2.95
C ILE A 258 8.84 24.95 -2.67
N LEU A 259 8.64 24.19 -3.75
CA LEU A 259 8.28 22.78 -3.65
C LEU A 259 9.38 21.91 -3.05
N TYR A 260 10.64 22.20 -3.39
CA TYR A 260 11.75 21.49 -2.76
C TYR A 260 11.79 21.76 -1.26
N ASN A 261 11.54 23.02 -0.87
CA ASN A 261 11.42 23.39 0.54
C ASN A 261 10.39 22.55 1.25
N ILE A 262 9.16 22.59 0.74
CA ILE A 262 8.06 21.89 1.37
C ILE A 262 8.36 20.40 1.48
N TYR A 263 8.94 19.80 0.44
CA TYR A 263 9.35 18.39 0.50
C TYR A 263 10.32 18.13 1.66
N TYR A 264 11.52 18.70 1.55
CA TYR A 264 12.57 18.49 2.56
C TYR A 264 12.07 18.71 3.98
N THR A 265 11.37 19.82 4.16
CA THR A 265 10.83 20.24 5.44
C THR A 265 9.82 19.22 5.97
N ALA A 266 8.91 18.81 5.10
CA ALA A 266 7.86 17.86 5.48
C ALA A 266 8.46 16.50 5.82
N LEU A 267 9.69 16.27 5.38
CA LEU A 267 10.41 15.07 5.80
C LEU A 267 11.15 15.23 7.13
N ASN A 268 12.13 16.12 7.16
CA ASN A 268 13.06 16.22 8.29
C ASN A 268 12.68 17.28 9.32
N LYS A 269 11.52 17.92 9.13
CA LYS A 269 11.06 18.97 10.04
C LYS A 269 9.57 18.83 10.34
N ASP A 270 9.08 19.60 11.31
CA ASP A 270 7.70 19.47 11.76
C ASP A 270 6.68 19.86 10.69
N PHE A 271 5.55 19.16 10.70
CA PHE A 271 4.52 19.25 9.66
C PHE A 271 3.91 20.65 9.52
N GLN A 272 3.70 21.31 10.66
CA GLN A 272 3.04 22.62 10.68
C GLN A 272 3.79 23.67 9.89
N THR A 273 5.11 23.64 9.99
CA THR A 273 5.97 24.53 9.21
C THR A 273 5.64 24.38 7.73
N ALA A 274 5.60 23.13 7.29
CA ALA A 274 5.32 22.79 5.90
C ALA A 274 3.95 23.32 5.46
N LYS A 275 2.94 23.06 6.27
CA LYS A 275 1.59 23.53 5.97
C LYS A 275 1.56 25.06 5.80
N ASP A 276 2.22 25.75 6.72
CA ASP A 276 2.32 27.22 6.68
C ASP A 276 2.94 27.65 5.36
N MET A 277 4.06 27.02 5.01
CA MET A 277 4.75 27.32 3.76
C MET A 277 3.82 27.18 2.57
N LEU A 278 3.10 26.06 2.51
CA LEU A 278 2.19 25.79 1.40
C LEU A 278 1.09 26.82 1.23
N LEU A 279 0.44 27.18 2.33
CA LEU A 279 -0.68 28.12 2.24
C LEU A 279 -0.20 29.56 2.02
N THR A 280 1.01 29.87 2.48
CA THR A 280 1.59 31.21 2.31
C THR A 280 2.17 31.39 0.90
N SER A 281 2.69 30.30 0.33
CA SER A 281 3.43 30.33 -0.93
C SER A 281 2.56 30.65 -2.13
N GLN A 282 1.26 30.37 -2.00
CA GLN A 282 0.26 30.70 -3.01
C GLN A 282 0.60 30.22 -4.41
N VAL A 283 0.60 28.91 -4.60
CA VAL A 283 0.65 28.34 -5.93
C VAL A 283 -0.52 27.39 -6.14
N GLN A 284 -1.49 27.84 -6.93
CA GLN A 284 -2.67 27.01 -7.23
C GLN A 284 -3.06 27.07 -8.72
N THR A 285 -3.50 28.24 -9.16
CA THR A 285 -3.83 28.45 -10.57
C THR A 285 -2.57 28.28 -11.41
N ASN A 286 -1.43 28.56 -10.77
CA ASN A 286 -0.11 28.36 -11.37
C ASN A 286 0.12 26.92 -11.79
N ILE A 287 0.17 26.03 -10.80
CA ILE A 287 0.60 24.63 -10.99
C ILE A 287 -0.06 23.91 -12.16
N ASN A 288 -1.34 24.18 -12.36
CA ASN A 288 -2.09 23.56 -13.44
C ASN A 288 -1.49 23.81 -14.83
N GLN A 289 -0.98 25.01 -15.04
CA GLN A 289 -0.49 25.44 -16.36
C GLN A 289 1.02 25.32 -16.62
N PHE A 290 1.77 24.85 -15.63
CA PHE A 290 3.24 24.87 -15.66
C PHE A 290 3.92 23.57 -16.12
N ASP A 291 3.14 22.77 -16.84
CA ASP A 291 3.36 21.40 -17.35
C ASP A 291 3.48 20.25 -16.36
N SER A 292 4.19 19.20 -16.77
CA SER A 292 4.10 17.90 -16.14
C SER A 292 5.01 17.66 -14.95
N SER A 293 6.28 18.03 -15.09
CA SER A 293 7.28 17.62 -14.11
C SER A 293 7.06 18.30 -12.78
N LEU A 294 6.75 19.59 -12.85
CA LEU A 294 6.54 20.36 -11.63
C LEU A 294 5.24 19.92 -10.98
N GLN A 295 4.30 19.42 -11.78
CA GLN A 295 3.07 18.83 -11.23
C GLN A 295 3.39 17.50 -10.55
N ILE A 296 4.35 16.77 -11.10
CA ILE A 296 4.81 15.56 -10.45
C ILE A 296 5.40 15.96 -9.10
N LEU A 297 6.14 17.07 -9.08
CA LEU A 297 6.75 17.55 -7.84
C LEU A 297 5.70 17.98 -6.80
N PHE A 298 4.67 18.68 -7.26
CA PHE A 298 3.60 19.14 -6.37
C PHE A 298 2.81 17.96 -5.81
N ASN A 299 2.61 16.94 -6.61
CA ASN A 299 1.94 15.74 -6.14
C ASN A 299 2.83 14.97 -5.17
N ARG A 300 4.14 15.06 -5.39
CA ARG A 300 5.11 14.45 -4.49
C ARG A 300 5.09 15.10 -3.11
N VAL A 301 5.03 16.44 -3.09
CA VAL A 301 5.01 17.13 -1.80
C VAL A 301 3.66 17.01 -1.10
N VAL A 302 2.57 16.98 -1.88
CA VAL A 302 1.25 16.72 -1.31
C VAL A 302 1.24 15.35 -0.64
N VAL A 303 1.74 14.35 -1.35
CA VAL A 303 1.90 13.03 -0.76
C VAL A 303 2.73 13.10 0.51
N GLN A 304 3.84 13.83 0.49
CA GLN A 304 4.74 13.85 1.65
C GLN A 304 4.11 14.44 2.90
N LEU A 305 3.34 15.52 2.75
CA LEU A 305 2.71 16.09 3.93
C LEU A 305 1.50 15.25 4.34
N GLY A 306 0.89 14.59 3.37
CA GLY A 306 -0.15 13.63 3.67
C GLY A 306 0.41 12.49 4.50
N LEU A 307 1.68 12.16 4.25
CA LEU A 307 2.34 11.08 4.99
C LEU A 307 2.76 11.52 6.39
N SER A 308 3.44 12.66 6.51
CA SER A 308 3.91 13.08 7.82
C SER A 308 2.77 13.47 8.73
N ALA A 309 1.73 14.08 8.17
CA ALA A 309 0.52 14.38 8.95
C ALA A 309 -0.11 13.10 9.48
N PHE A 310 0.02 12.02 8.73
CA PHE A 310 -0.50 10.72 9.16
C PHE A 310 0.43 10.10 10.21
N LYS A 311 1.72 10.37 10.11
CA LYS A 311 2.67 9.92 11.11
C LYS A 311 2.33 10.59 12.45
N LEU A 312 1.82 11.82 12.36
CA LEU A 312 1.38 12.56 13.56
C LEU A 312 0.07 12.03 14.13
N CYS A 313 -0.52 11.05 13.45
CA CYS A 313 -1.80 10.47 13.86
C CYS A 313 -2.91 11.51 13.80
N LEU A 314 -2.87 12.34 12.76
CA LEU A 314 -4.00 13.18 12.43
C LEU A 314 -4.71 12.54 11.25
N ILE A 315 -5.83 11.88 11.52
CA ILE A 315 -6.54 11.15 10.47
C ILE A 315 -7.35 12.15 9.65
N GLU A 316 -8.07 13.00 10.38
CA GLU A 316 -8.96 13.99 9.78
C GLU A 316 -8.20 14.87 8.79
N GLU A 317 -6.98 15.24 9.16
CA GLU A 317 -6.11 16.02 8.30
C GLU A 317 -5.70 15.21 7.07
N CYS A 318 -5.28 13.98 7.32
CA CYS A 318 -4.73 13.10 6.29
C CYS A 318 -5.71 12.87 5.14
N HIS A 319 -6.91 12.44 5.49
CA HIS A 319 -7.95 12.21 4.50
C HIS A 319 -8.28 13.49 3.74
N GLN A 320 -8.16 14.65 4.40
CA GLN A 320 -8.34 15.94 3.74
C GLN A 320 -7.27 16.16 2.67
N ILE A 321 -6.03 15.86 3.03
CA ILE A 321 -4.89 16.08 2.15
C ILE A 321 -4.93 15.22 0.89
N LEU A 322 -5.10 13.91 1.05
CA LEU A 322 -4.84 13.01 -0.07
C LEU A 322 -5.96 12.77 -1.10
N ASN A 323 -7.20 13.13 -0.77
CA ASN A 323 -8.35 12.66 -1.57
C ASN A 323 -8.33 13.04 -3.05
N ASP A 324 -7.87 14.25 -3.37
CA ASP A 324 -7.83 14.69 -4.77
C ASP A 324 -6.89 13.84 -5.62
N LEU A 325 -5.69 13.60 -5.10
CA LEU A 325 -4.66 12.90 -5.85
C LEU A 325 -4.84 11.40 -5.83
N LEU A 326 -5.50 10.88 -4.79
CA LEU A 326 -5.60 9.43 -4.66
C LEU A 326 -6.90 8.89 -5.24
N SER A 327 -7.73 9.77 -5.78
CA SER A 327 -8.91 9.35 -6.51
C SER A 327 -8.51 8.99 -7.94
N SER A 328 -7.28 9.35 -8.29
CA SER A 328 -6.75 9.08 -9.63
C SER A 328 -6.48 7.60 -9.86
N SER A 329 -7.06 7.07 -10.94
CA SER A 329 -6.80 5.70 -11.38
C SER A 329 -5.34 5.52 -11.74
N HIS A 330 -4.81 6.57 -12.37
CA HIS A 330 -3.49 6.59 -13.00
C HIS A 330 -2.40 7.11 -12.05
N LEU A 331 -2.71 7.22 -10.76
CA LEU A 331 -1.85 7.84 -9.76
C LEU A 331 -0.36 7.51 -9.87
N ARG A 332 -0.04 6.26 -10.21
CA ARG A 332 1.34 5.83 -10.39
C ARG A 332 2.06 6.70 -11.42
N GLU A 333 1.36 7.03 -12.50
CA GLU A 333 1.90 7.89 -13.55
C GLU A 333 1.94 9.34 -13.08
N ILE A 334 0.91 9.77 -12.36
CA ILE A 334 0.79 11.13 -11.87
C ILE A 334 1.89 11.46 -10.85
N LEU A 335 2.46 10.42 -10.25
CA LEU A 335 3.57 10.58 -9.33
C LEU A 335 4.89 10.43 -10.07
N GLY A 336 4.80 10.30 -11.39
CA GLY A 336 5.97 10.23 -12.25
C GLY A 336 6.82 8.98 -12.02
N GLN A 337 6.19 7.92 -11.53
CA GLN A 337 6.90 6.65 -11.40
C GLN A 337 6.28 5.58 -12.29
N GLN A 338 6.93 5.26 -13.40
CA GLN A 338 6.48 4.17 -14.25
C GLN A 338 7.72 3.63 -14.92
N SER A 339 7.78 2.30 -15.10
CA SER A 339 8.95 1.69 -15.72
C SER A 339 9.13 2.31 -17.09
N LEU A 340 10.36 2.71 -17.40
CA LEU A 340 10.60 3.45 -18.62
C LEU A 340 10.32 2.60 -19.84
N HIS A 341 10.72 1.33 -19.78
CA HIS A 341 10.58 0.37 -20.88
C HIS A 341 9.16 0.30 -21.45
N ARG A 342 8.19 0.14 -20.56
CA ARG A 342 6.79 -0.06 -20.93
C ARG A 342 6.25 1.11 -21.74
N ILE A 343 6.68 2.31 -21.39
CA ILE A 343 6.26 3.52 -22.12
C ILE A 343 7.30 3.91 -23.17
N SER A 344 8.39 3.18 -23.23
CA SER A 344 9.46 3.40 -24.20
C SER A 344 9.10 2.73 -25.49
N LEU A 345 8.30 1.66 -25.40
CA LEU A 345 7.71 1.13 -26.63
C LEU A 345 6.57 2.05 -27.11
N ASN A 346 5.82 2.61 -26.17
CA ASN A 346 4.68 3.46 -26.52
C ASN A 346 5.09 4.79 -27.16
N SER A 347 6.12 5.41 -26.58
CA SER A 347 6.44 6.80 -26.91
C SER A 347 7.17 6.93 -28.25
N SER A 348 7.82 5.86 -28.69
CA SER A 348 8.55 5.83 -29.96
C SER A 348 7.63 6.24 -31.12
N ASN A 349 8.06 7.14 -31.99
CA ASN A 349 9.45 7.63 -32.15
C ASN A 349 10.13 8.40 -30.99
N ASN A 350 11.44 8.26 -30.91
CA ASN A 350 12.24 8.75 -29.78
C ASN A 350 12.31 10.28 -29.65
N ALA A 351 12.27 10.97 -30.79
CA ALA A 351 12.34 12.44 -30.84
C ALA A 351 11.34 13.08 -29.89
N SER A 352 10.07 12.68 -30.01
CA SER A 352 9.02 13.16 -29.13
C SER A 352 8.91 12.29 -27.89
N ALA A 353 9.65 11.19 -27.87
CA ALA A 353 9.63 10.29 -26.72
C ALA A 353 10.44 10.85 -25.57
N ASP A 354 11.39 11.73 -25.90
CA ASP A 354 12.14 12.45 -24.87
C ASP A 354 11.20 13.18 -23.92
N GLU A 355 10.12 13.73 -24.46
CA GLU A 355 9.12 14.45 -23.69
C GLU A 355 8.47 13.61 -22.60
N ARG A 356 7.92 12.46 -22.96
CA ARG A 356 7.24 11.62 -21.98
C ARG A 356 8.24 10.88 -21.09
N ALA A 357 9.43 10.61 -21.61
CA ALA A 357 10.42 9.85 -20.85
C ALA A 357 11.12 10.71 -19.79
N ARG A 358 11.21 12.01 -20.04
CA ARG A 358 11.79 12.92 -19.06
C ARG A 358 10.86 13.13 -17.87
N GLN A 359 9.61 12.73 -18.03
CA GLN A 359 8.58 12.94 -17.02
C GLN A 359 8.62 11.92 -15.89
N CYS A 360 9.01 10.68 -16.17
CA CYS A 360 9.14 9.66 -15.14
C CYS A 360 10.48 9.76 -14.36
N LEU A 361 10.48 9.24 -13.13
CA LEU A 361 11.56 9.43 -12.15
C LEU A 361 12.34 8.15 -11.86
N PRO A 362 13.60 8.28 -11.45
CA PRO A 362 14.35 7.06 -11.09
C PRO A 362 13.84 6.41 -9.81
N TYR A 363 14.41 5.27 -9.46
CA TYR A 363 13.82 4.41 -8.45
C TYR A 363 14.02 4.94 -7.03
N HIS A 364 15.22 5.44 -6.72
CA HIS A 364 15.52 5.84 -5.35
C HIS A 364 14.68 7.03 -4.90
N GLN A 365 14.08 7.73 -5.85
CA GLN A 365 13.22 8.86 -5.54
C GLN A 365 11.76 8.47 -5.42
N HIS A 366 11.49 7.17 -5.53
CA HIS A 366 10.12 6.68 -5.53
C HIS A 366 9.53 6.62 -4.13
N ILE A 367 8.25 6.94 -4.02
CA ILE A 367 7.48 6.75 -2.79
C ILE A 367 6.60 5.52 -2.99
N ASN A 368 6.80 4.48 -2.20
CA ASN A 368 6.11 3.21 -2.44
C ASN A 368 4.59 3.39 -2.39
N LEU A 369 3.93 3.04 -3.48
CA LEU A 369 2.50 3.31 -3.66
C LEU A 369 1.65 2.54 -2.67
N ASP A 370 2.11 1.34 -2.32
CA ASP A 370 1.38 0.51 -1.38
C ASP A 370 1.30 1.18 -0.03
N LEU A 371 2.40 1.81 0.39
CA LEU A 371 2.40 2.57 1.64
C LEU A 371 1.32 3.65 1.61
N ILE A 372 1.37 4.49 0.58
CA ILE A 372 0.41 5.58 0.40
C ILE A 372 -1.04 5.09 0.41
N ASP A 373 -1.34 4.07 -0.40
CA ASP A 373 -2.69 3.55 -0.53
C ASP A 373 -3.19 2.97 0.79
N VAL A 374 -2.36 2.16 1.45
CA VAL A 374 -2.73 1.59 2.74
C VAL A 374 -2.99 2.69 3.77
N VAL A 375 -2.11 3.69 3.82
CA VAL A 375 -2.27 4.84 4.69
C VAL A 375 -3.65 5.51 4.50
N PHE A 376 -3.90 6.00 3.29
CA PHE A 376 -5.17 6.64 2.99
C PHE A 376 -6.39 5.75 3.28
N LEU A 377 -6.26 4.45 3.05
CA LEU A 377 -7.39 3.54 3.24
C LEU A 377 -7.65 3.30 4.73
N THR A 378 -6.58 3.20 5.51
CA THR A 378 -6.70 3.13 6.96
C THR A 378 -7.45 4.35 7.45
N CYS A 379 -7.05 5.51 6.94
CA CYS A 379 -7.76 6.75 7.24
C CYS A 379 -9.24 6.68 6.91
N SER A 380 -9.55 6.45 5.64
CA SER A 380 -10.93 6.38 5.16
C SER A 380 -11.74 5.34 5.94
N LEU A 381 -11.04 4.41 6.56
CA LEU A 381 -11.69 3.42 7.39
C LEU A 381 -12.15 4.02 8.70
N LEU A 382 -11.18 4.46 9.50
CA LEU A 382 -11.44 5.11 10.78
C LEU A 382 -12.49 6.20 10.63
N ILE A 383 -12.42 6.93 9.53
CA ILE A 383 -13.39 7.98 9.27
C ILE A 383 -14.78 7.47 8.88
N GLU A 384 -14.86 6.63 7.85
CA GLU A 384 -16.17 6.33 7.28
C GLU A 384 -16.94 5.19 7.96
N ILE A 385 -16.25 4.37 8.76
CA ILE A 385 -16.93 3.21 9.35
C ILE A 385 -18.02 3.54 10.39
N PRO A 386 -17.72 4.42 11.37
CA PRO A 386 -18.81 4.66 12.33
C PRO A 386 -20.03 5.30 11.68
N ARG A 387 -19.78 6.23 10.76
CA ARG A 387 -20.87 6.92 10.08
C ARG A 387 -21.69 5.97 9.22
N MET A 388 -21.02 4.97 8.68
CA MET A 388 -21.71 3.95 7.89
C MET A 388 -22.55 3.06 8.82
N THR A 389 -21.92 2.60 9.88
CA THR A 389 -22.57 1.72 10.88
C THR A 389 -23.85 2.35 11.39
N ALA A 390 -23.75 3.60 11.78
CA ALA A 390 -24.90 4.42 12.15
C ALA A 390 -25.99 4.33 11.09
N PHE A 391 -25.66 4.76 9.88
CA PHE A 391 -26.60 4.83 8.77
C PHE A 391 -27.36 3.53 8.52
N TYR A 392 -26.65 2.42 8.37
CA TYR A 392 -27.29 1.16 7.98
C TYR A 392 -27.84 0.34 9.17
N SER A 393 -27.47 0.71 10.39
CA SER A 393 -28.12 0.11 11.57
C SER A 393 -29.27 0.99 12.07
N GLY A 394 -29.60 2.02 11.31
CA GLY A 394 -30.79 2.82 11.57
C GLY A 394 -30.70 4.24 12.11
N ILE A 395 -29.53 4.83 12.16
CA ILE A 395 -29.47 6.28 12.42
C ILE A 395 -28.86 7.01 11.24
N LYS A 396 -29.68 7.78 10.53
CA LYS A 396 -29.09 8.71 9.57
C LYS A 396 -29.42 10.15 9.93
N VAL A 397 -28.55 10.81 10.71
CA VAL A 397 -28.57 12.28 10.74
C VAL A 397 -27.35 12.99 10.13
N LYS A 398 -26.23 12.28 10.06
CA LYS A 398 -24.98 12.92 9.68
C LYS A 398 -24.55 12.60 8.28
N ARG A 399 -25.31 11.74 7.62
CA ARG A 399 -24.79 11.17 6.39
C ARG A 399 -25.34 11.80 5.14
N ILE A 400 -24.50 12.61 4.51
CA ILE A 400 -24.51 12.77 3.07
C ILE A 400 -23.07 12.74 2.49
N PRO A 401 -22.26 11.72 2.83
CA PRO A 401 -21.18 11.43 1.88
C PRO A 401 -21.69 10.53 0.75
N TYR A 402 -21.19 10.76 -0.45
CA TYR A 402 -21.21 9.73 -1.48
C TYR A 402 -19.80 9.66 -2.01
N SER A 403 -19.14 8.55 -1.69
CA SER A 403 -17.68 8.49 -1.64
C SER A 403 -17.03 8.02 -2.93
N PRO A 404 -16.30 8.93 -3.62
CA PRO A 404 -15.61 8.55 -4.86
C PRO A 404 -14.44 7.60 -4.61
N LYS A 405 -14.38 6.52 -5.38
CA LYS A 405 -13.26 5.56 -5.36
C LYS A 405 -12.76 5.31 -3.94
N SER A 406 -13.64 4.74 -3.11
CA SER A 406 -13.41 4.76 -1.69
C SER A 406 -13.48 3.38 -1.07
N ILE A 407 -13.06 3.32 0.18
CA ILE A 407 -13.12 2.10 0.97
C ILE A 407 -14.51 1.48 1.00
N ARG A 408 -15.54 2.30 1.11
CA ARG A 408 -16.93 1.83 1.20
C ARG A 408 -17.37 1.11 -0.07
N ARG A 409 -17.05 1.69 -1.22
CA ARG A 409 -17.42 1.10 -2.49
C ARG A 409 -16.75 -0.26 -2.69
N SER A 410 -15.48 -0.37 -2.29
CA SER A 410 -14.75 -1.61 -2.42
C SER A 410 -15.27 -2.64 -1.41
N LEU A 411 -15.87 -2.15 -0.33
CA LEU A 411 -16.61 -3.02 0.59
C LEU A 411 -17.81 -3.60 -0.15
N GLU A 412 -18.56 -2.72 -0.80
CA GLU A 412 -19.74 -3.15 -1.57
C GLU A 412 -19.37 -4.18 -2.65
N HIS A 413 -18.19 -4.03 -3.23
CA HIS A 413 -17.73 -4.97 -4.27
C HIS A 413 -17.17 -6.28 -3.69
N TYR A 414 -16.69 -6.24 -2.44
CA TYR A 414 -16.21 -7.47 -1.83
C TYR A 414 -17.35 -8.32 -1.30
N ASP A 415 -18.42 -7.67 -0.85
CA ASP A 415 -19.59 -8.39 -0.41
C ASP A 415 -20.21 -9.20 -1.55
N LYS A 416 -20.06 -8.68 -2.78
CA LYS A 416 -20.73 -9.26 -3.94
C LYS A 416 -19.93 -10.33 -4.66
N LEU A 417 -18.76 -10.66 -4.12
CA LEU A 417 -17.93 -11.70 -4.73
C LEU A 417 -18.51 -13.09 -4.46
N SER A 418 -18.44 -13.95 -5.46
CA SER A 418 -18.88 -15.33 -5.29
C SER A 418 -18.01 -15.98 -4.22
N PHE A 419 -16.72 -15.66 -4.24
CA PHE A 419 -15.72 -16.27 -3.38
C PHE A 419 -15.18 -15.27 -2.38
N GLN A 420 -15.11 -15.65 -1.10
CA GLN A 420 -14.44 -14.80 -0.11
C GLN A 420 -13.26 -15.54 0.49
N GLY A 421 -12.06 -15.10 0.14
CA GLY A 421 -10.85 -15.75 0.63
C GLY A 421 -10.28 -15.07 1.86
N PRO A 422 -9.53 -15.83 2.67
CA PRO A 422 -8.77 -15.21 3.74
C PRO A 422 -7.82 -14.21 3.11
N PRO A 423 -7.65 -13.03 3.73
CA PRO A 423 -6.99 -11.88 3.11
C PRO A 423 -5.58 -12.17 2.62
N GLU A 424 -5.25 -11.68 1.42
CA GLU A 424 -3.92 -11.83 0.87
C GLU A 424 -3.36 -10.49 0.43
N THR A 425 -4.02 -9.82 -0.51
CA THR A 425 -3.63 -8.45 -0.87
C THR A 425 -3.92 -7.51 0.29
N LEU A 426 -3.21 -6.39 0.35
CA LEU A 426 -3.28 -5.50 1.50
C LEU A 426 -4.66 -4.89 1.71
N ARG A 427 -5.34 -4.59 0.61
CA ARG A 427 -6.68 -4.03 0.71
C ARG A 427 -7.63 -5.04 1.35
N ASP A 428 -7.31 -6.33 1.21
CA ASP A 428 -8.09 -7.37 1.86
C ASP A 428 -7.86 -7.41 3.37
N TYR A 429 -6.61 -7.17 3.80
CA TYR A 429 -6.32 -7.11 5.23
C TYR A 429 -7.03 -5.91 5.86
N VAL A 430 -6.92 -4.74 5.21
CA VAL A 430 -7.66 -3.55 5.64
C VAL A 430 -9.17 -3.84 5.73
N LEU A 431 -9.65 -4.52 4.70
CA LEU A 431 -11.04 -4.96 4.61
C LEU A 431 -11.49 -5.78 5.83
N PHE A 432 -10.72 -6.81 6.13
CA PHE A 432 -10.98 -7.68 7.27
C PHE A 432 -10.98 -6.87 8.57
N ALA A 433 -10.11 -5.87 8.64
CA ALA A 433 -10.10 -4.98 9.80
C ALA A 433 -11.41 -4.18 9.90
N ALA A 434 -11.95 -3.80 8.75
CA ALA A 434 -13.22 -3.09 8.71
C ALA A 434 -14.40 -3.95 9.16
N LYS A 435 -14.51 -5.16 8.64
CA LYS A 435 -15.59 -6.07 9.03
C LYS A 435 -15.48 -6.42 10.50
N SER A 436 -14.24 -6.61 10.95
CA SER A 436 -13.95 -6.83 12.36
C SER A 436 -14.50 -5.68 13.19
N MET A 437 -14.21 -4.44 12.80
CA MET A 437 -14.81 -3.27 13.45
C MET A 437 -16.32 -3.37 13.51
N GLN A 438 -16.93 -3.69 12.37
CA GLN A 438 -18.37 -3.84 12.27
C GLN A 438 -18.95 -4.79 13.32
N LYS A 439 -18.34 -5.97 13.46
CA LYS A 439 -18.82 -6.96 14.41
C LYS A 439 -18.38 -6.62 15.83
N GLY A 440 -17.38 -5.76 15.95
CA GLY A 440 -16.98 -5.28 17.27
C GLY A 440 -15.79 -5.98 17.90
N ASN A 441 -15.06 -6.79 17.14
CA ASN A 441 -13.79 -7.29 17.65
C ASN A 441 -12.70 -6.34 17.20
N TRP A 442 -12.18 -5.53 18.11
CA TRP A 442 -11.15 -4.56 17.76
C TRP A 442 -9.81 -5.26 17.70
N ARG A 443 -9.65 -6.28 18.55
CA ARG A 443 -8.42 -7.07 18.57
C ARG A 443 -8.16 -7.70 17.22
N ASP A 444 -9.19 -8.31 16.66
CA ASP A 444 -9.10 -8.93 15.33
C ASP A 444 -8.69 -7.90 14.30
N SER A 445 -9.28 -6.70 14.38
CA SER A 445 -8.99 -5.65 13.40
C SER A 445 -7.54 -5.17 13.49
N VAL A 446 -7.04 -5.02 14.71
CA VAL A 446 -5.64 -4.66 14.90
C VAL A 446 -4.73 -5.76 14.34
N LYS A 447 -5.08 -7.01 14.61
CA LYS A 447 -4.31 -8.15 14.11
C LYS A 447 -4.22 -8.11 12.59
N TYR A 448 -5.38 -7.95 11.95
CA TYR A 448 -5.45 -7.90 10.50
C TYR A 448 -4.70 -6.70 9.94
N LEU A 449 -4.66 -5.61 10.71
CA LEU A 449 -3.94 -4.42 10.26
C LEU A 449 -2.42 -4.54 10.41
N ARG A 450 -1.97 -5.34 11.37
CA ARG A 450 -0.53 -5.51 11.60
C ARG A 450 0.08 -6.52 10.62
N GLU A 451 -0.77 -7.24 9.89
CA GLU A 451 -0.29 -8.18 8.91
C GLU A 451 0.10 -7.45 7.61
N ILE A 452 -0.29 -6.18 7.51
CA ILE A 452 0.09 -5.35 6.37
C ILE A 452 1.58 -5.04 6.43
N LYS A 453 2.27 -5.22 5.31
CA LYS A 453 3.71 -5.04 5.27
C LYS A 453 4.13 -3.57 5.24
N SER A 454 3.27 -2.72 4.67
CA SER A 454 3.62 -1.32 4.40
C SER A 454 4.10 -0.54 5.62
N TRP A 455 3.66 -0.94 6.81
CA TRP A 455 3.97 -0.19 8.02
C TRP A 455 5.44 -0.22 8.39
N ALA A 456 6.22 -1.06 7.71
CA ALA A 456 7.64 -1.25 8.02
C ALA A 456 8.52 -0.17 7.41
N LEU A 457 7.94 0.67 6.55
CA LEU A 457 8.68 1.72 5.87
C LEU A 457 8.68 3.03 6.66
N LEU A 458 8.09 2.99 7.85
CA LEU A 458 8.05 4.16 8.72
C LEU A 458 9.03 3.97 9.88
N PRO A 459 9.97 4.91 10.06
CA PRO A 459 10.98 4.81 11.12
C PRO A 459 10.39 4.85 12.53
N ASN A 460 9.18 5.42 12.63
CA ASN A 460 8.47 5.54 13.90
C ASN A 460 7.46 4.42 14.17
N MET A 461 7.52 3.34 13.39
CA MET A 461 6.44 2.35 13.28
C MET A 461 5.79 1.89 14.59
N GLU A 462 6.57 1.66 15.63
CA GLU A 462 5.99 1.23 16.91
C GLU A 462 5.02 2.28 17.45
N THR A 463 5.48 3.53 17.44
CA THR A 463 4.73 4.68 17.93
C THR A 463 3.36 4.78 17.28
N VAL A 464 3.35 4.67 15.95
CA VAL A 464 2.12 4.77 15.19
C VAL A 464 1.29 3.50 15.32
N LEU A 465 1.96 2.38 15.60
CA LEU A 465 1.24 1.13 15.86
C LEU A 465 0.35 1.29 17.07
N ASN A 466 0.92 1.76 18.17
CA ASN A 466 0.12 1.94 19.39
C ASN A 466 -0.86 3.11 19.26
N SER A 467 -0.45 4.17 18.57
CA SER A 467 -1.33 5.33 18.36
C SER A 467 -2.57 4.95 17.57
N LEU A 468 -2.35 4.15 16.53
CA LEU A 468 -3.42 3.63 15.71
C LEU A 468 -4.25 2.63 16.50
N THR A 469 -3.60 1.82 17.32
CA THR A 469 -4.32 0.87 18.15
C THR A 469 -5.34 1.62 19.02
N GLU A 470 -4.93 2.80 19.51
CA GLU A 470 -5.82 3.64 20.33
C GLU A 470 -6.98 4.27 19.54
N ARG A 471 -6.64 4.97 18.45
CA ARG A 471 -7.67 5.61 17.63
C ARG A 471 -8.69 4.58 17.14
N VAL A 472 -8.19 3.37 16.85
CA VAL A 472 -9.02 2.24 16.46
C VAL A 472 -9.89 1.77 17.62
N GLN A 473 -9.32 1.73 18.83
CA GLN A 473 -10.11 1.39 20.01
C GLN A 473 -11.32 2.32 20.10
N VAL A 474 -11.08 3.62 19.99
CA VAL A 474 -12.12 4.64 20.05
C VAL A 474 -13.21 4.44 18.99
N GLU A 475 -12.80 4.42 17.72
CA GLU A 475 -13.76 4.36 16.64
C GLU A 475 -14.52 3.04 16.62
N SER A 476 -13.87 1.97 17.05
CA SER A 476 -14.52 0.66 17.09
C SER A 476 -15.52 0.61 18.22
N LEU A 477 -15.24 1.32 19.30
CA LEU A 477 -16.21 1.46 20.39
C LEU A 477 -17.46 2.17 19.87
N LYS A 478 -17.22 3.28 19.16
CA LYS A 478 -18.31 4.00 18.51
C LYS A 478 -19.14 3.05 17.65
N THR A 479 -18.48 2.37 16.71
CA THR A 479 -19.13 1.47 15.76
C THR A 479 -20.00 0.42 16.43
N TYR A 480 -19.40 -0.25 17.41
CA TYR A 480 -20.10 -1.21 18.27
C TYR A 480 -21.40 -0.60 18.77
N PHE A 481 -21.28 0.51 19.49
CA PHE A 481 -22.45 1.19 20.01
C PHE A 481 -23.51 1.44 18.93
N PHE A 482 -23.09 2.01 17.80
CA PHE A 482 -24.00 2.34 16.72
C PHE A 482 -24.80 1.12 16.27
N SER A 483 -24.12 0.02 16.04
CA SER A 483 -24.77 -1.17 15.52
C SER A 483 -25.69 -1.85 16.54
N PHE A 484 -25.24 -1.93 17.79
CA PHE A 484 -25.92 -2.79 18.75
C PHE A 484 -26.95 -2.10 19.66
N LYS A 485 -27.18 -0.81 19.44
CA LYS A 485 -28.11 -0.06 20.27
C LYS A 485 -29.56 -0.48 20.04
N ARG A 486 -29.80 -1.26 18.99
CA ARG A 486 -31.15 -1.72 18.68
C ARG A 486 -31.66 -2.70 19.73
N PHE A 487 -30.85 -3.71 20.01
CA PHE A 487 -31.25 -4.80 20.89
C PHE A 487 -30.86 -4.58 22.36
N TYR A 488 -30.08 -3.54 22.63
CA TYR A 488 -29.74 -3.13 24.01
C TYR A 488 -30.56 -1.93 24.46
N SER A 489 -31.34 -2.10 25.53
CA SER A 489 -31.97 -0.94 26.16
C SER A 489 -31.03 -0.27 27.18
N SER A 490 -30.12 -1.02 27.79
CA SER A 490 -29.21 -0.45 28.81
C SER A 490 -27.76 -0.97 28.78
N PHE A 491 -26.83 -0.11 29.18
CA PHE A 491 -25.39 -0.40 29.10
C PHE A 491 -24.61 -0.10 30.38
N SER A 492 -23.44 -0.72 30.49
CA SER A 492 -22.55 -0.57 31.64
C SER A 492 -21.20 -0.02 31.23
N VAL A 493 -20.90 1.20 31.64
CA VAL A 493 -19.66 1.86 31.24
C VAL A 493 -18.43 1.14 31.75
N ALA A 494 -18.59 0.38 32.83
CA ALA A 494 -17.45 -0.29 33.46
C ALA A 494 -17.00 -1.47 32.63
N LYS A 495 -17.98 -2.27 32.24
CA LYS A 495 -17.75 -3.43 31.38
C LYS A 495 -17.20 -2.99 30.02
N LEU A 496 -17.94 -2.11 29.35
CA LEU A 496 -17.52 -1.54 28.07
C LEU A 496 -16.09 -1.01 28.15
N ALA A 497 -15.80 -0.22 29.18
CA ALA A 497 -14.47 0.33 29.36
C ALA A 497 -13.42 -0.76 29.44
N GLU A 498 -13.67 -1.76 30.29
CA GLU A 498 -12.72 -2.84 30.45
C GLU A 498 -12.46 -3.58 29.12
N LEU A 499 -13.55 -3.90 28.42
CA LEU A 499 -13.50 -4.81 27.28
C LEU A 499 -12.95 -4.19 25.99
N PHE A 500 -13.21 -2.91 25.78
CA PHE A 500 -12.59 -2.20 24.66
C PHE A 500 -11.17 -1.75 25.02
N ASP A 501 -10.81 -1.91 26.30
CA ASP A 501 -9.54 -1.41 26.85
C ASP A 501 -9.49 0.12 26.76
N LEU A 502 -10.64 0.75 26.97
CA LEU A 502 -10.73 2.20 27.01
C LEU A 502 -11.19 2.75 28.37
N PRO A 503 -10.32 3.50 29.06
CA PRO A 503 -10.69 4.17 30.31
C PRO A 503 -12.00 4.95 30.20
N GLU A 504 -12.80 4.92 31.26
CA GLU A 504 -14.18 5.43 31.25
C GLU A 504 -14.31 6.90 30.83
N ASN A 505 -13.31 7.71 31.17
CA ASN A 505 -13.30 9.12 30.77
C ASN A 505 -13.46 9.25 29.27
N LYS A 506 -12.75 8.41 28.51
CA LYS A 506 -12.90 8.37 27.06
C LYS A 506 -14.28 7.87 26.66
N VAL A 507 -14.74 6.81 27.31
CA VAL A 507 -15.99 6.14 26.94
C VAL A 507 -17.20 7.07 27.05
N VAL A 508 -17.40 7.62 28.24
CA VAL A 508 -18.50 8.53 28.50
C VAL A 508 -18.41 9.75 27.57
N GLU A 509 -17.20 10.24 27.35
CA GLU A 509 -16.99 11.38 26.48
C GLU A 509 -17.45 11.10 25.05
N VAL A 510 -16.89 10.04 24.46
CA VAL A 510 -17.23 9.64 23.11
C VAL A 510 -18.73 9.43 22.96
N LEU A 511 -19.28 8.59 23.83
CA LEU A 511 -20.68 8.21 23.74
C LEU A 511 -21.61 9.42 23.89
N GLN A 512 -21.36 10.23 24.91
CA GLN A 512 -22.18 11.42 25.14
C GLN A 512 -22.09 12.41 23.99
N SER A 513 -20.87 12.67 23.53
CA SER A 513 -20.63 13.61 22.44
C SER A 513 -21.35 13.16 21.18
N VAL A 514 -21.24 11.87 20.87
CA VAL A 514 -21.88 11.29 19.70
C VAL A 514 -23.41 11.35 19.77
N ILE A 515 -23.97 10.96 20.92
CA ILE A 515 -25.42 10.99 21.10
C ILE A 515 -25.96 12.41 21.00
N ALA A 516 -25.18 13.37 21.50
CA ALA A 516 -25.56 14.78 21.44
C ALA A 516 -25.44 15.35 20.02
N GLU A 517 -24.47 14.86 19.26
CA GLU A 517 -24.26 15.31 17.88
C GLU A 517 -25.24 14.67 16.89
N LEU A 518 -25.63 13.42 17.15
CA LEU A 518 -26.50 12.67 16.25
C LEU A 518 -27.98 12.71 16.63
N GLU A 519 -28.29 13.41 17.71
CA GLU A 519 -29.66 13.51 18.23
C GLU A 519 -30.31 12.16 18.52
N ILE A 520 -29.50 11.21 18.98
CA ILE A 520 -29.98 9.87 19.31
C ILE A 520 -30.80 9.87 20.60
N PRO A 521 -31.97 9.19 20.58
CA PRO A 521 -32.79 9.02 21.78
C PRO A 521 -32.11 8.17 22.84
N ALA A 522 -31.00 8.64 23.39
CA ALA A 522 -30.25 7.90 24.40
C ALA A 522 -29.98 8.72 25.66
N LYS A 523 -30.15 8.11 26.83
CA LYS A 523 -30.03 8.81 28.11
C LYS A 523 -28.97 8.22 29.03
N LEU A 524 -28.07 9.07 29.52
CA LEU A 524 -26.99 8.62 30.38
C LEU A 524 -27.11 9.14 31.81
N ASN A 525 -27.05 8.22 32.77
CA ASN A 525 -26.88 8.59 34.16
C ASN A 525 -25.39 8.47 34.51
N ASP A 526 -24.76 9.62 34.75
CA ASP A 526 -23.35 9.69 35.08
C ASP A 526 -23.12 9.10 36.46
N GLU A 527 -24.10 9.27 37.34
CA GLU A 527 -24.01 8.87 38.73
C GLU A 527 -23.88 7.36 38.89
N LYS A 528 -24.72 6.61 38.18
CA LYS A 528 -24.62 5.15 38.19
C LYS A 528 -23.85 4.63 36.96
N THR A 529 -23.43 5.54 36.10
CA THR A 529 -22.76 5.21 34.84
C THR A 529 -23.54 4.15 34.04
N ILE A 530 -24.73 4.54 33.58
CA ILE A 530 -25.60 3.61 32.83
C ILE A 530 -26.30 4.35 31.67
N PHE A 531 -26.57 3.64 30.57
CA PHE A 531 -27.11 4.27 29.35
C PHE A 531 -28.47 3.66 28.93
N VAL A 532 -29.31 4.40 28.21
CA VAL A 532 -30.70 3.97 27.89
C VAL A 532 -31.16 4.31 26.44
N VAL A 533 -31.84 3.38 25.76
CA VAL A 533 -32.26 3.57 24.36
C VAL A 533 -33.59 2.88 24.00
N GLU A 534 -33.83 2.80 22.68
CA GLU A 534 -34.92 2.03 22.05
C GLU A 534 -36.26 2.77 21.92
N LYS A 535 -36.31 4.00 22.41
CA LYS A 535 -37.49 4.85 22.22
C LYS A 535 -37.87 4.96 20.74
N GLY A 536 -37.03 5.68 20.01
CA GLY A 536 -37.04 5.72 18.56
C GLY A 536 -36.73 7.15 18.16
N ASP A 537 -36.82 7.54 16.88
CA ASP A 537 -36.79 6.71 15.67
C ASP A 537 -36.62 7.76 14.55
N GLU A 538 -36.77 7.35 13.30
CA GLU A 538 -37.10 8.34 12.27
C GLU A 538 -38.62 8.28 12.04
N ILE A 539 -39.11 7.11 11.66
CA ILE A 539 -40.54 6.87 11.42
C ILE A 539 -41.49 7.32 12.56
N THR A 540 -41.05 7.26 13.81
CA THR A 540 -41.95 7.67 14.90
C THR A 540 -42.12 9.19 14.93
N LYS A 541 -41.09 9.92 14.56
CA LYS A 541 -41.19 11.37 14.41
C LYS A 541 -42.16 11.73 13.28
N LEU A 542 -42.27 10.85 12.29
CA LEU A 542 -43.24 11.01 11.22
C LEU A 542 -44.65 10.69 11.71
N GLU A 543 -44.77 9.70 12.60
CA GLU A 543 -46.04 9.40 13.27
C GLU A 543 -46.53 10.63 14.02
N GLU A 544 -45.63 11.22 14.78
CA GLU A 544 -45.91 12.44 15.55
C GLU A 544 -46.29 13.63 14.65
N ALA A 545 -45.52 13.83 13.58
CA ALA A 545 -45.79 14.90 12.62
C ALA A 545 -47.15 14.74 11.93
N MET A 546 -47.58 13.49 11.75
CA MET A 546 -48.91 13.23 11.20
C MET A 546 -49.99 13.51 12.24
N VAL A 547 -49.66 13.24 13.50
CA VAL A 547 -50.62 13.36 14.58
C VAL A 547 -50.91 14.82 14.97
N LYS A 548 -49.89 15.69 14.97
CA LYS A 548 -50.14 17.08 15.35
C LYS A 548 -51.04 17.85 14.38
N LEU A 549 -50.81 17.71 13.08
CA LEU A 549 -51.66 18.37 12.09
C LEU A 549 -52.67 17.41 11.47
N VAL B 4 -5.97 -32.43 -37.04
CA VAL B 4 -6.20 -31.28 -36.16
C VAL B 4 -6.86 -31.73 -34.87
N ASP B 5 -7.78 -32.68 -34.98
CA ASP B 5 -8.50 -33.18 -33.80
C ASP B 5 -7.56 -33.87 -32.82
N LEU B 6 -6.50 -34.47 -33.34
CA LEU B 6 -5.46 -35.05 -32.48
C LEU B 6 -4.68 -33.97 -31.74
N SER B 7 -4.20 -32.98 -32.49
CA SER B 7 -3.50 -31.83 -31.92
C SER B 7 -4.44 -31.05 -31.01
N ASP B 8 -5.73 -31.04 -31.37
CA ASP B 8 -6.76 -30.40 -30.55
C ASP B 8 -6.88 -31.09 -29.18
N ALA B 9 -7.05 -32.41 -29.21
CA ALA B 9 -7.24 -33.20 -28.01
C ALA B 9 -6.01 -33.14 -27.11
N ASP B 10 -4.83 -33.24 -27.72
CA ASP B 10 -3.59 -33.13 -26.98
C ASP B 10 -3.45 -31.75 -26.35
N THR B 11 -3.64 -30.68 -27.12
CA THR B 11 -3.44 -29.33 -26.58
C THR B 11 -4.42 -29.05 -25.44
N LEU B 12 -5.66 -29.50 -25.62
CA LEU B 12 -6.65 -29.40 -24.54
C LEU B 12 -6.16 -30.13 -23.30
N GLN B 13 -5.64 -31.35 -23.48
CA GLN B 13 -5.13 -32.12 -22.34
C GLN B 13 -3.98 -31.41 -21.62
N ARG B 14 -3.03 -30.89 -22.41
CA ARG B 14 -1.92 -30.10 -21.88
C ARG B 14 -2.45 -28.98 -21.02
N TYR B 15 -3.34 -28.17 -21.60
CA TYR B 15 -3.88 -27.01 -20.92
C TYR B 15 -4.65 -27.37 -19.65
N LEU B 16 -5.35 -28.48 -19.68
CA LEU B 16 -6.09 -28.93 -18.51
C LEU B 16 -5.17 -29.34 -17.37
N ASP B 17 -4.17 -30.19 -17.67
CA ASP B 17 -3.19 -30.58 -16.66
C ASP B 17 -2.46 -29.36 -16.10
N GLN B 18 -2.17 -28.43 -17.01
CA GLN B 18 -1.54 -27.15 -16.68
C GLN B 18 -2.32 -26.43 -15.60
N ARG B 19 -3.62 -26.28 -15.82
CA ARG B 19 -4.46 -25.64 -14.82
C ARG B 19 -4.54 -26.47 -13.53
N PHE B 20 -4.56 -27.80 -13.66
CA PHE B 20 -4.61 -28.68 -12.47
C PHE B 20 -3.46 -28.39 -11.52
N GLN B 21 -2.26 -28.28 -12.09
CA GLN B 21 -1.11 -28.02 -11.24
C GLN B 21 -1.01 -26.55 -10.86
N GLN B 22 -1.65 -25.66 -11.62
CA GLN B 22 -1.73 -24.27 -11.17
C GLN B 22 -2.57 -24.19 -9.90
N VAL B 23 -3.64 -24.99 -9.88
CA VAL B 23 -4.47 -25.14 -8.69
C VAL B 23 -3.67 -25.71 -7.51
N ASP B 24 -3.11 -26.90 -7.69
CA ASP B 24 -2.39 -27.57 -6.59
C ASP B 24 -1.20 -26.77 -6.06
N VAL B 25 -0.40 -26.21 -6.98
CA VAL B 25 0.73 -25.37 -6.58
C VAL B 25 0.23 -24.13 -5.85
N SER B 26 -0.80 -23.47 -6.38
CA SER B 26 -1.34 -22.28 -5.74
C SER B 26 -1.77 -22.57 -4.31
N VAL B 27 -2.49 -23.68 -4.11
CA VAL B 27 -2.96 -24.04 -2.77
C VAL B 27 -1.80 -24.35 -1.84
N LYS B 28 -0.85 -25.15 -2.31
CA LYS B 28 0.33 -25.44 -1.52
C LYS B 28 1.14 -24.17 -1.27
N LEU B 29 0.99 -23.17 -2.14
CA LEU B 29 1.68 -21.90 -1.99
C LEU B 29 0.82 -20.81 -1.31
N GLU B 30 -0.36 -21.20 -0.85
CA GLU B 30 -1.24 -20.31 -0.08
C GLU B 30 -1.61 -19.03 -0.86
N LEU B 31 -1.85 -19.20 -2.16
CA LEU B 31 -2.52 -18.15 -2.94
C LEU B 31 -3.93 -18.58 -3.32
N TRP B 32 -4.92 -18.06 -2.62
CA TRP B 32 -6.26 -18.61 -2.73
C TRP B 32 -7.04 -18.00 -3.87
N HIS B 33 -6.64 -16.82 -4.31
CA HIS B 33 -7.34 -16.21 -5.43
C HIS B 33 -6.92 -16.88 -6.72
N GLU B 34 -5.61 -17.05 -6.91
CA GLU B 34 -5.13 -17.74 -8.10
C GLU B 34 -5.65 -19.17 -8.08
N ALA B 35 -5.78 -19.73 -6.88
CA ALA B 35 -6.32 -21.07 -6.73
C ALA B 35 -7.74 -21.13 -7.24
N TYR B 36 -8.61 -20.26 -6.71
CA TYR B 36 -10.00 -20.23 -7.15
C TYR B 36 -10.15 -19.99 -8.64
N ARG B 37 -9.42 -19.00 -9.15
CA ARG B 37 -9.52 -18.64 -10.56
C ARG B 37 -9.11 -19.83 -11.44
N SER B 38 -8.03 -20.50 -11.04
CA SER B 38 -7.55 -21.67 -11.76
C SER B 38 -8.54 -22.83 -11.64
N ILE B 39 -9.26 -22.91 -10.53
CA ILE B 39 -10.28 -23.95 -10.34
C ILE B 39 -11.46 -23.72 -11.30
N GLU B 40 -11.88 -22.46 -11.44
CA GLU B 40 -12.86 -22.10 -12.46
C GLU B 40 -12.38 -22.62 -13.82
N ASP B 41 -11.15 -22.23 -14.15
CA ASP B 41 -10.51 -22.69 -15.37
C ASP B 41 -10.55 -24.22 -15.54
N VAL B 42 -10.45 -24.96 -14.44
CA VAL B 42 -10.49 -26.44 -14.52
C VAL B 42 -11.89 -26.96 -14.81
N PHE B 43 -12.86 -26.44 -14.06
CA PHE B 43 -14.26 -26.81 -14.22
C PHE B 43 -14.71 -26.66 -15.67
N HIS B 44 -14.53 -25.46 -16.21
CA HIS B 44 -15.01 -25.18 -17.56
C HIS B 44 -14.30 -26.06 -18.59
N LEU B 45 -13.01 -26.29 -18.38
CA LEU B 45 -12.22 -27.16 -19.24
C LEU B 45 -12.77 -28.58 -19.30
N MET B 46 -13.09 -29.15 -18.13
CA MET B 46 -13.65 -30.49 -18.08
C MET B 46 -15.02 -30.55 -18.73
N LYS B 47 -15.78 -29.46 -18.61
CA LYS B 47 -17.05 -29.39 -19.32
C LYS B 47 -16.79 -29.47 -20.83
N ILE B 48 -15.75 -28.77 -21.31
CA ILE B 48 -15.38 -28.81 -22.73
C ILE B 48 -14.67 -30.09 -23.13
N SER B 49 -13.84 -30.59 -22.23
CA SER B 49 -12.99 -31.73 -22.53
C SER B 49 -13.82 -32.94 -22.95
N LYS B 50 -13.30 -33.68 -23.92
CA LYS B 50 -13.88 -34.95 -24.27
C LYS B 50 -13.24 -36.02 -23.38
N ARG B 51 -11.93 -36.15 -23.48
CA ARG B 51 -11.19 -37.05 -22.61
C ARG B 51 -11.21 -36.54 -21.17
N ALA B 52 -11.71 -37.38 -20.26
CA ALA B 52 -11.85 -37.04 -18.85
C ALA B 52 -10.57 -37.39 -18.09
N PRO B 53 -10.28 -36.66 -17.00
CA PRO B 53 -9.05 -36.78 -16.20
C PRO B 53 -8.77 -38.15 -15.57
N LYS B 54 -7.49 -38.39 -15.29
CA LYS B 54 -7.05 -39.57 -14.57
C LYS B 54 -7.32 -39.40 -13.08
N PRO B 55 -7.78 -40.48 -12.41
CA PRO B 55 -8.26 -40.48 -11.02
C PRO B 55 -7.29 -39.88 -9.99
N SER B 56 -5.99 -40.05 -10.19
CA SER B 56 -5.00 -39.47 -9.27
C SER B 56 -5.16 -37.95 -9.19
N THR B 57 -5.29 -37.35 -10.37
CA THR B 57 -5.41 -35.90 -10.51
C THR B 57 -6.70 -35.38 -9.88
N LEU B 58 -7.77 -36.15 -9.99
CA LEU B 58 -9.06 -35.77 -9.41
C LEU B 58 -9.04 -35.88 -7.89
N ALA B 59 -8.39 -36.93 -7.40
CA ALA B 59 -8.23 -37.11 -5.97
C ALA B 59 -7.44 -35.95 -5.37
N ASN B 60 -6.33 -35.59 -6.00
CA ASN B 60 -5.53 -34.46 -5.54
C ASN B 60 -6.28 -33.15 -5.70
N TYR B 61 -7.19 -33.13 -6.68
CA TYR B 61 -8.03 -31.96 -6.96
C TYR B 61 -8.98 -31.70 -5.80
N TYR B 62 -9.66 -32.75 -5.34
CA TYR B 62 -10.53 -32.64 -4.17
C TYR B 62 -9.71 -32.39 -2.91
N GLU B 63 -8.51 -32.97 -2.88
CA GLU B 63 -7.57 -32.77 -1.79
C GLU B 63 -7.24 -31.29 -1.64
N ASN B 64 -7.18 -30.58 -2.76
CA ASN B 64 -6.99 -29.14 -2.73
C ASN B 64 -8.27 -28.36 -2.42
N LEU B 65 -9.36 -28.79 -3.06
CA LEU B 65 -10.65 -28.13 -2.92
C LEU B 65 -11.13 -28.12 -1.48
N VAL B 66 -10.78 -29.17 -0.73
CA VAL B 66 -11.19 -29.25 0.66
C VAL B 66 -10.53 -28.12 1.47
N LYS B 67 -9.25 -27.85 1.24
CA LYS B 67 -8.56 -26.74 1.91
C LYS B 67 -9.16 -25.39 1.50
N VAL B 68 -9.27 -25.18 0.19
CA VAL B 68 -9.77 -23.91 -0.34
C VAL B 68 -11.17 -23.58 0.20
N PHE B 69 -12.03 -24.59 0.26
CA PHE B 69 -13.39 -24.36 0.75
C PHE B 69 -13.43 -24.36 2.27
N PHE B 70 -12.39 -24.90 2.90
CA PHE B 70 -12.24 -24.71 4.34
C PHE B 70 -12.09 -23.22 4.59
N VAL B 71 -10.98 -22.65 4.14
CA VAL B 71 -10.68 -21.25 4.41
C VAL B 71 -11.67 -20.26 3.79
N SER B 72 -12.52 -20.74 2.88
CA SER B 72 -13.50 -19.87 2.22
C SER B 72 -14.61 -19.43 3.16
N GLY B 73 -14.95 -20.29 4.11
CA GLY B 73 -16.00 -20.01 5.08
C GLY B 73 -17.32 -20.68 4.70
N ASP B 74 -17.25 -21.59 3.74
CA ASP B 74 -18.43 -22.35 3.34
C ASP B 74 -18.20 -23.83 3.62
N PRO B 75 -18.89 -24.35 4.65
CA PRO B 75 -18.68 -25.71 5.15
C PRO B 75 -19.22 -26.80 4.24
N LEU B 76 -20.28 -26.46 3.49
CA LEU B 76 -20.96 -27.44 2.64
C LEU B 76 -20.10 -27.91 1.47
N LEU B 77 -19.50 -26.95 0.75
CA LEU B 77 -18.62 -27.26 -0.37
C LEU B 77 -17.43 -28.08 0.10
N HIS B 78 -16.88 -27.66 1.24
CA HIS B 78 -15.82 -28.37 1.94
C HIS B 78 -16.20 -29.83 2.08
N THR B 79 -17.30 -30.05 2.78
CA THR B 79 -17.87 -31.37 3.01
C THR B 79 -18.01 -32.17 1.70
N THR B 80 -18.52 -31.53 0.66
CA THR B 80 -18.80 -32.20 -0.60
C THR B 80 -17.51 -32.71 -1.26
N ALA B 81 -16.53 -31.82 -1.42
CA ALA B 81 -15.27 -32.20 -2.04
C ALA B 81 -14.53 -33.22 -1.19
N TRP B 82 -14.79 -33.16 0.11
CA TRP B 82 -14.22 -34.12 1.04
C TRP B 82 -14.85 -35.51 0.86
N LYS B 83 -16.16 -35.54 0.60
CA LYS B 83 -16.86 -36.78 0.26
C LYS B 83 -16.31 -37.37 -1.02
N LYS B 84 -16.24 -36.52 -2.03
CA LYS B 84 -15.79 -36.91 -3.36
C LYS B 84 -14.33 -37.36 -3.33
N PHE B 85 -13.59 -36.97 -2.28
CA PHE B 85 -12.27 -37.55 -2.08
C PHE B 85 -12.38 -38.98 -1.53
N TYR B 86 -13.37 -39.22 -0.69
CA TYR B 86 -13.62 -40.54 -0.12
C TYR B 86 -13.96 -41.54 -1.22
N LYS B 87 -14.98 -41.19 -2.01
CA LYS B 87 -15.46 -42.03 -3.10
C LYS B 87 -14.35 -42.45 -4.04
N LEU B 88 -13.39 -41.57 -4.25
CA LEU B 88 -12.23 -41.86 -5.09
C LEU B 88 -11.16 -42.66 -4.35
N TYR B 89 -11.03 -42.45 -3.04
CA TYR B 89 -9.94 -43.08 -2.28
C TYR B 89 -10.22 -44.54 -1.96
N SER B 90 -11.49 -44.92 -1.92
CA SER B 90 -11.83 -46.33 -1.71
C SER B 90 -11.30 -47.23 -2.84
N THR B 91 -10.92 -46.63 -3.96
CA THR B 91 -10.44 -47.35 -5.13
C THR B 91 -8.92 -47.60 -5.08
N ASN B 92 -8.23 -46.90 -4.19
CA ASN B 92 -6.76 -47.02 -4.12
C ASN B 92 -6.28 -48.20 -3.25
N PRO B 93 -5.29 -48.94 -3.76
CA PRO B 93 -4.72 -50.17 -3.19
C PRO B 93 -4.09 -49.99 -1.82
N ARG B 94 -3.54 -48.82 -1.55
CA ARG B 94 -3.06 -48.55 -0.19
C ARG B 94 -4.13 -47.70 0.49
N ALA B 95 -4.89 -48.36 1.34
CA ALA B 95 -5.92 -47.71 2.14
C ALA B 95 -5.88 -48.30 3.54
N THR B 96 -5.55 -47.48 4.53
CA THR B 96 -5.47 -47.98 5.89
C THR B 96 -6.75 -47.62 6.64
N GLU B 97 -7.20 -48.53 7.49
CA GLU B 97 -8.46 -48.37 8.21
C GLU B 97 -8.44 -47.11 9.05
N GLU B 98 -7.26 -46.77 9.57
CA GLU B 98 -7.09 -45.53 10.33
C GLU B 98 -7.48 -44.33 9.49
N GLU B 99 -7.07 -44.34 8.23
CA GLU B 99 -7.37 -43.25 7.31
C GLU B 99 -8.86 -43.18 7.01
N PHE B 100 -9.45 -44.31 6.62
CA PHE B 100 -10.89 -44.39 6.38
C PHE B 100 -11.69 -43.81 7.55
N LYS B 101 -11.29 -44.22 8.76
CA LYS B 101 -11.89 -43.72 9.99
C LYS B 101 -11.73 -42.20 10.10
N THR B 102 -10.50 -41.72 9.92
CA THR B 102 -10.21 -40.30 10.00
C THR B 102 -11.12 -39.47 9.09
N TYR B 103 -11.16 -39.84 7.81
CA TYR B 103 -11.90 -39.09 6.80
C TYR B 103 -13.42 -39.14 6.99
N SER B 104 -13.96 -40.31 7.30
CA SER B 104 -15.38 -40.42 7.59
C SER B 104 -15.74 -39.50 8.75
N SER B 105 -14.91 -39.60 9.79
CA SER B 105 -15.04 -38.76 10.97
C SER B 105 -15.11 -37.28 10.61
N THR B 106 -14.10 -36.83 9.86
CA THR B 106 -13.98 -35.43 9.46
C THR B 106 -15.18 -34.97 8.65
N ILE B 107 -15.70 -35.85 7.78
CA ILE B 107 -16.88 -35.50 7.00
C ILE B 107 -18.04 -35.23 7.94
N PHE B 108 -18.24 -36.13 8.91
CA PHE B 108 -19.35 -36.00 9.85
C PHE B 108 -19.21 -34.71 10.69
N LEU B 109 -17.98 -34.38 11.06
CA LEU B 109 -17.71 -33.14 11.79
C LEU B 109 -18.04 -31.90 10.99
N SER B 110 -17.61 -31.88 9.73
CA SER B 110 -17.88 -30.74 8.86
C SER B 110 -19.38 -30.59 8.67
N ALA B 111 -20.10 -31.71 8.75
CA ALA B 111 -21.57 -31.67 8.76
C ALA B 111 -22.09 -31.05 10.06
N ILE B 112 -21.42 -31.35 11.16
CA ILE B 112 -21.81 -30.78 12.45
C ILE B 112 -21.45 -29.30 12.52
N SER B 113 -20.22 -28.97 12.08
CA SER B 113 -19.71 -27.60 12.12
C SER B 113 -20.53 -26.61 11.31
N THR B 114 -21.31 -27.12 10.37
CA THR B 114 -22.10 -26.30 9.48
C THR B 114 -23.02 -25.35 10.24
N GLN B 115 -23.05 -24.10 9.81
CA GLN B 115 -23.96 -23.12 10.39
C GLN B 115 -25.40 -23.54 10.09
N LEU B 116 -26.33 -23.10 10.92
CA LEU B 116 -27.70 -23.62 10.84
C LEU B 116 -28.50 -22.97 9.72
N ASP B 117 -28.94 -23.80 8.79
CA ASP B 117 -29.50 -23.32 7.53
C ASP B 117 -31.00 -23.04 7.64
N GLU B 118 -31.58 -23.43 8.77
CA GLU B 118 -33.03 -23.35 8.99
C GLU B 118 -33.58 -21.93 8.92
N ILE B 119 -32.84 -20.97 9.49
CA ILE B 119 -33.28 -19.59 9.43
C ILE B 119 -32.88 -18.96 8.09
N PRO B 120 -33.89 -18.54 7.31
CA PRO B 120 -33.75 -18.06 5.93
C PRO B 120 -32.75 -16.92 5.77
N SER B 121 -32.17 -16.83 4.57
CA SER B 121 -31.28 -15.74 4.22
C SER B 121 -31.99 -14.85 3.23
N ILE B 122 -32.34 -13.63 3.65
CA ILE B 122 -33.00 -12.70 2.76
C ILE B 122 -32.03 -12.09 1.76
N GLY B 123 -32.34 -12.26 0.48
CA GLY B 123 -31.52 -11.73 -0.58
C GLY B 123 -30.71 -12.78 -1.31
N TYR B 124 -29.91 -12.32 -2.26
CA TYR B 124 -29.13 -13.18 -3.12
C TYR B 124 -27.78 -13.53 -2.49
N ASP B 125 -27.51 -14.82 -2.36
CA ASP B 125 -26.20 -15.26 -1.88
C ASP B 125 -25.26 -15.50 -3.07
N PRO B 126 -24.17 -14.72 -3.15
CA PRO B 126 -23.22 -14.92 -4.24
C PRO B 126 -22.57 -16.31 -4.19
N HIS B 127 -22.42 -16.85 -2.99
CA HIS B 127 -21.81 -18.18 -2.81
C HIS B 127 -22.47 -19.27 -3.65
N LEU B 128 -23.76 -19.11 -3.91
CA LEU B 128 -24.51 -20.05 -4.74
C LEU B 128 -23.82 -20.33 -6.08
N ARG B 129 -23.21 -19.31 -6.67
CA ARG B 129 -22.56 -19.49 -7.97
C ARG B 129 -21.52 -20.60 -7.89
N MET B 130 -20.76 -20.63 -6.79
CA MET B 130 -19.70 -21.63 -6.60
C MET B 130 -20.23 -23.05 -6.69
N TYR B 131 -21.51 -23.24 -6.42
CA TYR B 131 -22.06 -24.59 -6.41
C TYR B 131 -22.11 -25.20 -7.81
N ARG B 132 -22.04 -24.34 -8.84
CA ARG B 132 -21.86 -24.80 -10.21
C ARG B 132 -20.69 -25.74 -10.32
N LEU B 133 -19.65 -25.39 -9.57
CA LEU B 133 -18.37 -26.08 -9.58
C LEU B 133 -18.42 -27.53 -9.12
N LEU B 134 -19.23 -27.82 -8.10
CA LEU B 134 -19.31 -29.17 -7.55
C LEU B 134 -20.50 -30.02 -8.02
N ASN B 135 -21.27 -29.49 -8.99
CA ASN B 135 -22.50 -30.12 -9.54
C ASN B 135 -23.75 -29.82 -8.75
N LEU B 136 -23.57 -29.24 -7.57
CA LEU B 136 -24.69 -28.94 -6.69
C LEU B 136 -25.50 -27.78 -7.30
N ASP B 137 -26.80 -27.97 -7.45
CA ASP B 137 -27.65 -26.91 -7.98
C ASP B 137 -27.99 -25.88 -6.90
N ALA B 138 -28.18 -26.34 -5.68
CA ALA B 138 -28.34 -25.44 -4.53
C ALA B 138 -27.81 -26.09 -3.27
N LYS B 139 -27.89 -25.36 -2.16
CA LYS B 139 -27.28 -25.82 -0.91
C LYS B 139 -28.02 -26.99 -0.28
N PRO B 140 -27.31 -28.10 -0.09
CA PRO B 140 -27.74 -29.31 0.61
C PRO B 140 -27.74 -29.07 2.12
N THR B 141 -28.87 -28.56 2.62
CA THR B 141 -29.02 -28.05 3.97
C THR B 141 -28.53 -29.03 5.02
N ARG B 142 -28.06 -28.50 6.15
CA ARG B 142 -27.37 -29.28 7.16
C ARG B 142 -28.07 -30.60 7.45
N LYS B 143 -29.41 -30.57 7.44
CA LYS B 143 -30.22 -31.77 7.42
C LYS B 143 -29.78 -32.73 6.31
N GLU B 144 -29.90 -32.29 5.06
CA GLU B 144 -29.55 -33.09 3.89
C GLU B 144 -28.16 -33.68 3.97
N MET B 145 -27.24 -32.91 4.53
CA MET B 145 -25.88 -33.38 4.73
C MET B 145 -25.85 -34.53 5.73
N LEU B 146 -26.50 -34.35 6.88
CA LEU B 146 -26.56 -35.40 7.89
C LEU B 146 -27.13 -36.70 7.33
N GLN B 147 -28.25 -36.55 6.62
CA GLN B 147 -28.89 -37.68 5.96
C GLN B 147 -27.93 -38.36 4.99
N SER B 148 -27.49 -37.64 3.95
CA SER B 148 -26.62 -38.22 2.94
C SER B 148 -25.36 -38.87 3.52
N ILE B 149 -24.91 -38.38 4.67
CA ILE B 149 -23.76 -38.97 5.34
C ILE B 149 -24.06 -40.28 6.08
N ILE B 150 -25.10 -40.29 6.92
CA ILE B 150 -25.39 -41.50 7.69
C ILE B 150 -26.01 -42.58 6.80
N GLU B 151 -26.63 -42.13 5.70
CA GLU B 151 -27.21 -43.02 4.70
C GLU B 151 -26.14 -43.90 4.09
N ASP B 152 -25.00 -43.30 3.76
CA ASP B 152 -23.93 -44.02 3.09
C ASP B 152 -23.28 -45.02 4.04
N GLU B 153 -23.14 -46.24 3.53
CA GLU B 153 -22.63 -47.36 4.30
C GLU B 153 -21.27 -47.08 4.93
N SER B 154 -20.26 -47.01 4.07
CA SER B 154 -18.86 -46.87 4.49
C SER B 154 -18.64 -45.71 5.44
N ILE B 155 -19.25 -44.56 5.14
CA ILE B 155 -19.06 -43.35 5.95
C ILE B 155 -19.43 -43.60 7.40
N TYR B 156 -20.72 -43.82 7.69
CA TYR B 156 -21.15 -44.10 9.06
C TYR B 156 -20.36 -45.26 9.65
N GLY B 157 -20.10 -46.28 8.83
CA GLY B 157 -19.38 -47.46 9.25
C GLY B 157 -17.99 -47.24 9.83
N LYS B 158 -17.23 -46.31 9.25
CA LYS B 158 -15.85 -46.12 9.67
C LYS B 158 -15.65 -45.00 10.71
N VAL B 159 -16.72 -44.30 11.08
CA VAL B 159 -16.62 -43.20 12.05
C VAL B 159 -16.21 -43.67 13.46
N ASP B 160 -15.33 -42.90 14.11
CA ASP B 160 -14.94 -43.18 15.49
C ASP B 160 -16.14 -43.08 16.42
N GLU B 161 -16.17 -43.92 17.45
CA GLU B 161 -17.35 -44.01 18.33
C GLU B 161 -17.62 -42.71 19.08
N GLU B 162 -16.55 -41.99 19.42
CA GLU B 162 -16.70 -40.74 20.14
C GLU B 162 -17.58 -39.76 19.37
N LEU B 163 -17.48 -39.79 18.05
CA LEU B 163 -18.18 -38.83 17.21
C LEU B 163 -19.64 -39.18 17.01
N LYS B 164 -19.93 -40.47 16.89
CA LYS B 164 -21.31 -40.91 16.86
C LYS B 164 -21.94 -40.52 18.20
N GLU B 165 -21.15 -40.68 19.27
CA GLU B 165 -21.57 -40.26 20.58
C GLU B 165 -21.85 -38.77 20.63
N LEU B 166 -21.01 -37.97 19.96
CA LEU B 166 -21.21 -36.53 19.90
C LEU B 166 -22.52 -36.22 19.22
N TYR B 167 -22.76 -36.90 18.12
CA TYR B 167 -23.99 -36.74 17.35
C TYR B 167 -25.19 -37.10 18.22
N ASP B 168 -24.97 -37.99 19.18
CA ASP B 168 -26.02 -38.34 20.14
C ASP B 168 -26.19 -37.25 21.18
N ILE B 169 -25.09 -36.59 21.54
CA ILE B 169 -25.13 -35.54 22.55
C ILE B 169 -25.93 -34.38 22.00
N ILE B 170 -25.56 -33.96 20.79
CA ILE B 170 -26.19 -32.83 20.13
C ILE B 170 -27.59 -33.15 19.60
N GLU B 171 -27.70 -34.20 18.80
CA GLU B 171 -28.93 -34.47 18.08
C GLU B 171 -29.88 -35.52 18.66
N VAL B 172 -29.50 -36.18 19.75
CA VAL B 172 -30.45 -37.11 20.36
C VAL B 172 -31.05 -36.45 21.60
N ASN B 173 -32.29 -35.98 21.44
CA ASN B 173 -33.05 -35.32 22.51
C ASN B 173 -32.21 -34.37 23.35
N PHE B 174 -31.72 -33.29 22.76
CA PHE B 174 -30.77 -32.43 23.46
C PHE B 174 -31.45 -31.59 24.54
N ASP B 175 -30.98 -31.76 25.78
CA ASP B 175 -31.38 -30.90 26.90
C ASP B 175 -30.11 -30.25 27.42
N VAL B 176 -30.23 -28.98 27.80
CA VAL B 176 -29.07 -28.10 28.01
C VAL B 176 -28.05 -28.60 29.04
N ASP B 177 -28.51 -28.80 30.28
CA ASP B 177 -27.65 -29.23 31.38
C ASP B 177 -27.08 -30.61 31.12
N THR B 178 -27.92 -31.47 30.59
CA THR B 178 -27.51 -32.83 30.25
C THR B 178 -26.45 -32.81 29.16
N VAL B 179 -26.61 -31.93 28.18
CA VAL B 179 -25.61 -31.76 27.13
C VAL B 179 -24.28 -31.29 27.72
N LYS B 180 -24.34 -30.37 28.68
CA LYS B 180 -23.14 -29.94 29.39
C LYS B 180 -22.44 -31.14 30.01
N GLN B 181 -23.17 -31.87 30.86
CA GLN B 181 -22.64 -33.05 31.56
C GLN B 181 -22.05 -34.10 30.61
N GLN B 182 -22.72 -34.33 29.49
CA GLN B 182 -22.25 -35.28 28.49
C GLN B 182 -20.96 -34.80 27.85
N LEU B 183 -20.90 -33.49 27.61
CA LEU B 183 -19.72 -32.88 27.01
C LEU B 183 -18.51 -32.97 27.94
N GLU B 184 -18.73 -32.80 29.24
CA GLU B 184 -17.65 -32.94 30.22
C GLU B 184 -16.87 -34.24 29.98
N ASN B 185 -17.55 -35.38 30.12
CA ASN B 185 -16.93 -36.68 29.91
C ASN B 185 -16.42 -36.91 28.48
N LEU B 186 -17.26 -36.59 27.49
CA LEU B 186 -16.94 -36.96 26.11
C LEU B 186 -15.80 -36.17 25.47
N LEU B 187 -15.61 -34.91 25.87
CA LEU B 187 -14.54 -34.09 25.28
C LEU B 187 -13.14 -34.61 25.60
N VAL B 188 -12.99 -35.15 26.80
CA VAL B 188 -11.72 -35.72 27.23
C VAL B 188 -11.34 -36.89 26.33
N LYS B 189 -12.33 -37.73 26.03
CA LYS B 189 -12.13 -38.91 25.18
C LYS B 189 -11.97 -38.52 23.72
N LEU B 190 -12.57 -37.39 23.36
CA LEU B 190 -12.64 -36.93 21.97
C LEU B 190 -11.37 -36.24 21.50
N SER B 191 -10.81 -35.37 22.34
CA SER B 191 -9.70 -34.52 21.95
C SER B 191 -8.41 -35.32 21.79
N SER B 192 -8.47 -36.61 22.15
CA SER B 192 -7.33 -37.50 21.99
C SER B 192 -6.97 -37.69 20.50
N LYS B 193 -7.99 -37.66 19.64
CA LYS B 193 -7.83 -38.01 18.23
C LYS B 193 -7.52 -36.81 17.33
N THR B 194 -6.61 -37.03 16.38
CA THR B 194 -5.97 -35.99 15.55
C THR B 194 -6.90 -34.98 14.87
N TYR B 195 -7.91 -35.50 14.17
CA TYR B 195 -8.79 -34.69 13.31
C TYR B 195 -9.49 -33.52 14.02
N PHE B 196 -9.63 -33.61 15.33
CA PHE B 196 -10.49 -32.71 16.09
C PHE B 196 -10.01 -31.26 16.13
N SER B 197 -8.68 -31.07 16.03
CA SER B 197 -8.05 -29.77 16.28
C SER B 197 -8.75 -28.59 15.62
N GLN B 198 -9.12 -28.77 14.35
CA GLN B 198 -9.55 -27.66 13.49
C GLN B 198 -11.00 -27.21 13.65
N TYR B 199 -11.84 -28.05 14.24
CA TYR B 199 -13.28 -27.80 14.21
C TYR B 199 -13.87 -27.14 15.44
N ILE B 200 -13.03 -26.80 16.41
CA ILE B 200 -13.49 -26.29 17.69
C ILE B 200 -14.39 -25.05 17.55
N ALA B 201 -13.99 -24.09 16.71
CA ALA B 201 -14.71 -22.81 16.61
C ALA B 201 -16.13 -22.90 16.02
N PRO B 202 -16.29 -23.48 14.81
CA PRO B 202 -17.65 -23.51 14.23
C PRO B 202 -18.59 -24.43 14.99
N LEU B 203 -18.03 -25.54 15.46
CA LEU B 203 -18.74 -26.47 16.34
C LEU B 203 -19.27 -25.74 17.56
N ARG B 204 -18.36 -25.09 18.28
CA ARG B 204 -18.68 -24.29 19.46
C ARG B 204 -19.82 -23.32 19.16
N ASP B 205 -19.71 -22.63 18.03
CA ASP B 205 -20.72 -21.66 17.64
C ASP B 205 -22.09 -22.31 17.39
N VAL B 206 -22.09 -23.51 16.81
CA VAL B 206 -23.33 -24.25 16.55
C VAL B 206 -24.00 -24.68 17.85
N ILE B 207 -23.21 -25.35 18.69
CA ILE B 207 -23.64 -25.75 20.03
C ILE B 207 -24.28 -24.58 20.73
N MET B 208 -23.48 -23.53 20.93
CA MET B 208 -23.92 -22.33 21.63
C MET B 208 -25.18 -21.73 21.01
N ARG B 209 -25.34 -21.84 19.69
CA ARG B 209 -26.57 -21.38 19.06
C ARG B 209 -27.77 -22.20 19.57
N ARG B 210 -27.62 -23.53 19.55
CA ARG B 210 -28.65 -24.42 20.07
C ARG B 210 -29.00 -24.05 21.51
N VAL B 211 -27.96 -23.88 22.32
CA VAL B 211 -28.13 -23.45 23.71
C VAL B 211 -28.96 -22.17 23.79
N PHE B 212 -28.60 -21.18 22.97
CA PHE B 212 -29.30 -19.90 22.93
C PHE B 212 -30.79 -20.04 22.66
N VAL B 213 -31.14 -20.84 21.65
CA VAL B 213 -32.55 -21.03 21.31
C VAL B 213 -33.32 -21.77 22.40
N ALA B 214 -32.70 -22.81 22.95
CA ALA B 214 -33.36 -23.59 24.01
C ALA B 214 -33.59 -22.70 25.24
N ALA B 215 -32.64 -21.81 25.50
CA ALA B 215 -32.76 -20.87 26.61
C ALA B 215 -33.84 -19.83 26.35
N SER B 216 -34.00 -19.44 25.09
CA SER B 216 -35.05 -18.48 24.72
C SER B 216 -36.44 -19.08 24.86
N GLN B 217 -36.54 -20.38 24.59
CA GLN B 217 -37.81 -21.09 24.71
C GLN B 217 -38.17 -21.41 26.17
N LYS B 218 -37.18 -21.87 26.94
CA LYS B 218 -37.45 -22.40 28.29
C LYS B 218 -37.78 -21.29 29.31
N PHE B 219 -37.00 -20.22 29.36
CA PHE B 219 -37.38 -19.07 30.20
C PHE B 219 -37.15 -17.72 29.52
N THR B 220 -38.21 -16.91 29.48
CA THR B 220 -38.23 -15.71 28.64
C THR B 220 -37.81 -14.38 29.31
N THR B 221 -37.63 -14.38 30.63
CA THR B 221 -37.06 -13.21 31.31
C THR B 221 -36.08 -13.69 32.38
N VAL B 222 -34.86 -13.15 32.37
CA VAL B 222 -33.83 -13.69 33.24
C VAL B 222 -32.76 -12.66 33.61
N SER B 223 -32.05 -12.88 34.71
CA SER B 223 -30.86 -12.09 34.99
C SER B 223 -29.71 -12.57 34.11
N GLN B 224 -28.84 -11.65 33.70
CA GLN B 224 -27.77 -11.96 32.77
C GLN B 224 -26.79 -12.97 33.37
N SER B 225 -26.45 -12.77 34.63
CA SER B 225 -25.53 -13.65 35.34
C SER B 225 -26.04 -15.08 35.37
N GLU B 226 -27.35 -15.23 35.29
CA GLU B 226 -27.97 -16.55 35.24
C GLU B 226 -27.84 -17.14 33.85
N LEU B 227 -27.84 -16.27 32.83
CA LEU B 227 -27.71 -16.70 31.45
C LEU B 227 -26.30 -17.17 31.10
N TYR B 228 -25.29 -16.44 31.57
CA TYR B 228 -23.91 -16.79 31.25
C TYR B 228 -23.51 -18.19 31.76
N LYS B 229 -24.10 -18.63 32.87
CA LYS B 229 -23.76 -19.95 33.43
C LYS B 229 -24.20 -21.04 32.47
N LEU B 230 -25.41 -20.89 31.94
CA LEU B 230 -25.96 -21.84 30.97
C LEU B 230 -25.21 -21.77 29.65
N ALA B 231 -24.88 -20.55 29.24
CA ALA B 231 -24.23 -20.31 27.95
C ALA B 231 -22.78 -20.81 27.98
N THR B 232 -22.16 -20.81 29.16
CA THR B 232 -20.79 -21.26 29.27
C THR B 232 -20.70 -22.74 28.95
N LEU B 233 -19.61 -23.10 28.27
CA LEU B 233 -19.40 -24.48 27.87
C LEU B 233 -18.11 -25.00 28.51
N PRO B 234 -17.81 -26.30 28.32
CA PRO B 234 -16.56 -26.88 28.85
C PRO B 234 -15.26 -26.41 28.18
N ALA B 235 -14.18 -27.08 28.57
CA ALA B 235 -12.80 -26.61 28.36
C ALA B 235 -12.42 -26.13 26.94
N PRO B 236 -12.61 -26.95 25.91
CA PRO B 236 -12.17 -26.46 24.59
C PRO B 236 -13.05 -25.34 24.03
N LEU B 237 -14.30 -25.29 24.48
CA LEU B 237 -15.28 -24.33 23.99
C LEU B 237 -15.41 -23.09 24.86
N ASP B 238 -14.58 -22.99 25.89
CA ASP B 238 -14.63 -21.86 26.83
C ASP B 238 -14.50 -20.50 26.14
N LEU B 239 -15.21 -19.51 26.67
CA LEU B 239 -15.21 -18.18 26.09
C LEU B 239 -15.25 -17.09 27.15
N SER B 240 -14.57 -15.99 26.87
CA SER B 240 -14.63 -14.80 27.70
C SER B 240 -16.08 -14.33 27.80
N ALA B 241 -16.45 -13.74 28.93
CA ALA B 241 -17.85 -13.38 29.20
C ALA B 241 -18.48 -12.56 28.07
N TRP B 242 -17.79 -11.50 27.67
CA TRP B 242 -18.29 -10.61 26.63
C TRP B 242 -18.29 -11.31 25.27
N ASP B 243 -17.36 -12.24 25.07
CA ASP B 243 -17.32 -13.06 23.84
C ASP B 243 -18.60 -13.86 23.69
N ILE B 244 -19.06 -14.43 24.81
CA ILE B 244 -20.30 -15.19 24.87
C ILE B 244 -21.49 -14.26 24.64
N GLU B 245 -21.42 -13.09 25.27
CA GLU B 245 -22.43 -12.06 25.05
C GLU B 245 -22.58 -11.78 23.55
N LYS B 246 -21.47 -11.74 22.84
CA LYS B 246 -21.49 -11.42 21.43
C LYS B 246 -21.87 -12.64 20.57
N SER B 247 -21.70 -13.85 21.09
CA SER B 247 -22.21 -15.04 20.39
C SER B 247 -23.73 -14.96 20.38
N LEU B 248 -24.26 -14.62 21.55
CA LEU B 248 -25.69 -14.37 21.65
C LEU B 248 -26.10 -13.24 20.70
N LEU B 249 -25.35 -12.14 20.73
CA LEU B 249 -25.65 -10.99 19.89
C LEU B 249 -25.75 -11.39 18.43
N GLN B 250 -24.77 -12.17 18.00
CA GLN B 250 -24.75 -12.76 16.68
C GLN B 250 -26.07 -13.46 16.43
N ALA B 251 -26.37 -14.46 17.25
CA ALA B 251 -27.60 -15.24 17.11
C ALA B 251 -28.87 -14.37 17.03
N ALA B 252 -28.86 -13.25 17.74
CA ALA B 252 -30.01 -12.37 17.84
C ALA B 252 -30.19 -11.52 16.58
N VAL B 253 -29.08 -10.98 16.08
CA VAL B 253 -29.11 -10.15 14.88
C VAL B 253 -29.42 -11.04 13.68
N GLU B 254 -29.07 -12.32 13.82
CA GLU B 254 -29.39 -13.31 12.80
C GLU B 254 -30.90 -13.61 12.80
N ASP B 255 -31.61 -13.00 13.75
CA ASP B 255 -33.06 -13.08 13.86
C ASP B 255 -33.56 -14.47 14.22
N TYR B 256 -32.72 -15.25 14.89
CA TYR B 256 -33.12 -16.56 15.41
C TYR B 256 -34.00 -16.36 16.64
N VAL B 257 -33.56 -15.44 17.48
CA VAL B 257 -34.29 -15.06 18.67
C VAL B 257 -34.46 -13.55 18.71
N SER B 258 -35.71 -13.10 18.88
CA SER B 258 -36.00 -11.68 19.03
C SER B 258 -35.90 -11.31 20.50
N ILE B 259 -34.93 -10.44 20.81
CA ILE B 259 -34.54 -10.17 22.20
C ILE B 259 -34.52 -8.69 22.54
N THR B 260 -34.77 -8.38 23.81
CA THR B 260 -34.46 -7.06 24.34
C THR B 260 -33.59 -7.25 25.57
N ILE B 261 -32.73 -6.29 25.89
CA ILE B 261 -31.89 -6.41 27.07
C ILE B 261 -31.82 -5.12 27.88
N ASP B 262 -32.20 -5.21 29.15
CA ASP B 262 -32.05 -4.09 30.08
C ASP B 262 -31.01 -4.43 31.15
N HIS B 263 -29.83 -3.84 31.05
CA HIS B 263 -28.71 -4.19 31.93
C HIS B 263 -28.72 -3.41 33.25
N GLU B 264 -29.57 -2.37 33.30
CA GLU B 264 -29.77 -1.61 34.52
C GLU B 264 -30.09 -2.56 35.68
N SER B 265 -31.00 -3.49 35.41
CA SER B 265 -31.32 -4.56 36.35
C SER B 265 -30.56 -5.85 36.05
N ALA B 266 -29.68 -5.79 35.04
CA ALA B 266 -28.92 -6.96 34.56
C ALA B 266 -29.85 -8.07 34.07
N LYS B 267 -30.89 -7.65 33.36
CA LYS B 267 -31.93 -8.52 32.84
C LYS B 267 -31.95 -8.63 31.31
N VAL B 268 -32.26 -9.83 30.82
CA VAL B 268 -32.55 -10.09 29.42
C VAL B 268 -33.99 -10.56 29.27
N THR B 269 -34.72 -9.90 28.38
CA THR B 269 -36.14 -10.21 28.15
C THR B 269 -36.39 -10.78 26.76
N PHE B 270 -36.88 -12.02 26.73
CA PHE B 270 -37.30 -12.67 25.49
C PHE B 270 -38.81 -12.50 25.33
N ALA B 271 -39.23 -11.77 24.31
CA ALA B 271 -40.66 -11.62 24.06
C ALA B 271 -40.98 -12.06 22.63
N LYS B 272 -41.79 -13.10 22.52
CA LYS B 272 -42.25 -13.52 21.21
C LYS B 272 -43.74 -13.23 21.06
N ASP B 273 -44.03 -12.22 20.25
CA ASP B 273 -45.40 -11.79 19.97
C ASP B 273 -45.60 -11.78 18.47
N PRO B 274 -45.71 -12.97 17.89
CA PRO B 274 -45.79 -13.10 16.44
C PRO B 274 -47.24 -13.08 15.94
#